data_1YBQ
#
_entry.id   1YBQ
#
_cell.length_a   119.300
_cell.length_b   119.300
_cell.length_c   138.300
_cell.angle_alpha   90.00
_cell.angle_beta   90.00
_cell.angle_gamma   90.00
#
_symmetry.space_group_name_H-M   'P 4 21 2'
#
loop_
_entity.id
_entity.type
_entity.pdbx_description
1 polymer 'Isoaspartyl dipeptidase'
2 polymer 'Isoaspartyl dipeptidase'
3 non-polymer 'ZINC ION'
4 non-polymer L-BETA-ASPARTYLHISTIDINE
5 water water
#
loop_
_entity_poly.entity_id
_entity_poly.type
_entity_poly.pdbx_seq_one_letter_code
_entity_poly.pdbx_strand_id
1 'polypeptide(L)'
;MIDYTAAGFTLLQGAHLYAPEDRGICDVLVANGKIIAVASNIPSDIVPNCTVVDLSGQILCPGFIDQHVHLIGGGGEAGP
TTRTPEVALSRLTEAGVTSVVGLLGTDSISRHPESLLAKTRALNEEGISAWMLTGAYHVPSRTITGSVEKDVAIIDRVIG
VKCAISDHRSAAPDVYHLANMAAESRVGGLLGGKPGVTVFHMGDSKKALQPIYDLLENCDVPISKLLPTHVNRNVPLFEQ
ALEFARKGGTIDITSSIDEPVAPAEGIARAVQAGIPLARVTLSSNGNGSQPFFDDEGNLTHIGVAGFETLLETVQVLVKD
YDFSISDALRPLTSSVAGFLNLTGKGEILPGNDADLLVMTPELRIEQVYARGKLMVKDGKACVKGTFETA
;
A
2 'polypeptide(L)'
;MIDYTAAGFTLLQGAHLYAPEDRGICDVLVANGKIIAVASNIPSDIVPNCTVVDLSGQILCPGFIDQHVHLIGGGGEAGP
TTRTPEVALSRLTEAGVTSVVGLLGTDSISRHPESLLAKTRALNEEGISAWMLTGAYHVPSRTITGSVEKDVAIIDRVIG
V(KCX)CAISDHRSAAPDVYHLANMAAESRVGGLLGGKPGVTVFHMGDSKKALQPIYDLLENCDVPISKLLPTHVNRNVP
LFEQALEFARKGGTIDITSSIDEPVAPAEGIARAVQAGIPLARVTLSSNGNGSQPFFDDEGNLTHIGVAGFETLLETVQV
LVKDYDFSISDALRPLTSSVAGFLNLTGKGEILPGNDADLLVMTPELRIEQVYARGKLMVKDGKACVKGTFETA
;
B
#
# COMPACT_ATOMS: atom_id res chain seq x y z
N MET A 1 12.97 3.27 33.63
CA MET A 1 12.50 2.21 32.75
C MET A 1 12.59 2.59 31.26
N ILE A 2 12.84 1.56 30.44
CA ILE A 2 12.91 1.69 28.99
C ILE A 2 11.56 1.23 28.43
N ASP A 3 11.05 1.99 27.47
CA ASP A 3 9.76 1.73 26.84
C ASP A 3 9.89 0.91 25.56
N TYR A 4 9.34 -0.30 25.50
CA TYR A 4 9.40 -1.10 24.29
C TYR A 4 8.00 -1.41 23.81
N THR A 5 7.09 -0.53 24.21
CA THR A 5 5.69 -0.64 23.92
C THR A 5 5.35 -0.47 22.45
N ALA A 6 6.12 0.36 21.75
CA ALA A 6 5.89 0.52 20.31
C ALA A 6 5.80 -0.85 19.59
N ALA A 7 6.45 -1.87 20.16
CA ALA A 7 6.48 -3.19 19.54
C ALA A 7 5.15 -3.91 19.56
N GLY A 8 4.35 -3.56 20.55
CA GLY A 8 3.11 -4.25 20.71
C GLY A 8 3.40 -5.74 20.97
N PHE A 9 4.26 -6.03 21.94
CA PHE A 9 4.55 -7.44 22.17
C PHE A 9 3.36 -8.15 22.81
N THR A 10 3.01 -9.28 22.21
CA THR A 10 1.89 -10.09 22.66
C THR A 10 2.18 -11.57 22.59
N LEU A 11 2.04 -12.17 23.75
CA LEU A 11 2.26 -13.57 23.85
C LEU A 11 0.97 -14.28 24.08
N LEU A 12 0.64 -15.13 23.14
CA LEU A 12 -0.60 -15.88 23.25
C LEU A 12 -0.30 -17.29 23.68
N GLN A 13 -0.57 -17.51 24.97
CA GLN A 13 -0.28 -18.73 25.66
C GLN A 13 -1.28 -19.86 25.79
N GLY A 14 -0.69 -20.99 25.47
CA GLY A 14 -1.25 -22.30 25.59
C GLY A 14 -2.59 -22.66 25.03
N ALA A 15 -2.92 -22.15 23.86
CA ALA A 15 -4.16 -22.56 23.26
C ALA A 15 -3.89 -23.82 22.44
N HIS A 16 -4.91 -24.54 22.05
CA HIS A 16 -4.63 -25.67 21.18
C HIS A 16 -4.73 -24.99 19.82
N LEU A 17 -3.63 -25.06 19.11
CA LEU A 17 -3.46 -24.40 17.85
C LEU A 17 -3.64 -25.20 16.58
N TYR A 18 -4.48 -24.64 15.71
CA TYR A 18 -4.77 -25.14 14.36
C TYR A 18 -4.28 -24.07 13.42
N ALA A 19 -3.19 -24.36 12.73
CA ALA A 19 -2.45 -23.45 11.89
C ALA A 19 -2.83 -23.09 10.46
N PRO A 20 -3.81 -23.73 9.81
CA PRO A 20 -4.78 -24.74 10.25
C PRO A 20 -4.29 -26.14 10.67
N GLU A 21 -3.05 -26.52 10.36
CA GLU A 21 -2.55 -27.84 10.74
C GLU A 21 -2.51 -27.95 12.26
N ASP A 22 -2.94 -29.11 12.80
CA ASP A 22 -2.92 -29.33 14.25
C ASP A 22 -1.51 -29.31 14.84
N ARG A 23 -1.21 -28.23 15.56
CA ARG A 23 0.06 -28.00 16.21
C ARG A 23 -0.01 -28.38 17.68
N GLY A 24 -1.18 -28.87 18.08
CA GLY A 24 -1.37 -29.19 19.47
C GLY A 24 -1.25 -27.92 20.28
N ILE A 25 -0.96 -28.05 21.58
CA ILE A 25 -0.80 -26.90 22.44
C ILE A 25 0.47 -26.17 22.09
N CYS A 26 0.31 -24.89 21.78
CA CYS A 26 1.41 -24.11 21.32
C CYS A 26 1.23 -22.64 21.60
N ASP A 27 2.36 -21.98 21.72
CA ASP A 27 2.35 -20.55 21.97
C ASP A 27 2.57 -19.73 20.70
N VAL A 28 2.19 -18.47 20.76
CA VAL A 28 2.37 -17.60 19.63
C VAL A 28 2.81 -16.21 20.10
N LEU A 29 3.98 -15.84 19.60
CA LEU A 29 4.56 -14.55 19.89
C LEU A 29 4.32 -13.60 18.70
N VAL A 30 3.79 -12.45 19.07
CA VAL A 30 3.48 -11.42 18.10
C VAL A 30 4.16 -10.09 18.40
N ALA A 31 4.59 -9.44 17.31
CA ALA A 31 5.19 -8.12 17.37
C ALA A 31 4.90 -7.40 16.08
N ASN A 32 4.66 -6.11 16.22
CA ASN A 32 4.33 -5.22 15.13
C ASN A 32 3.33 -5.84 14.16
N GLY A 33 2.33 -6.52 14.66
CA GLY A 33 1.34 -7.09 13.80
C GLY A 33 1.78 -8.38 13.12
N LYS A 34 2.95 -8.86 13.49
CA LYS A 34 3.36 -10.07 12.84
C LYS A 34 3.60 -11.19 13.80
N ILE A 35 3.39 -12.39 13.28
CA ILE A 35 3.68 -13.57 14.06
C ILE A 35 5.20 -13.70 14.05
N ILE A 36 5.85 -13.62 15.23
CA ILE A 36 7.30 -13.72 15.22
C ILE A 36 7.85 -15.06 15.68
N ALA A 37 7.04 -15.80 16.36
CA ALA A 37 7.46 -17.08 16.85
C ALA A 37 6.29 -17.96 17.14
N VAL A 38 6.47 -19.23 16.85
CA VAL A 38 5.42 -20.21 17.13
C VAL A 38 6.07 -21.45 17.68
N ALA A 39 5.77 -21.78 18.92
CA ALA A 39 6.40 -22.94 19.51
C ALA A 39 5.82 -23.27 20.87
N SER A 40 6.08 -24.51 21.32
CA SER A 40 5.59 -24.93 22.62
C SER A 40 6.38 -24.19 23.71
N ASN A 41 5.67 -23.74 24.72
CA ASN A 41 6.28 -23.08 25.86
C ASN A 41 7.24 -21.91 25.61
N ILE A 42 6.66 -20.75 25.50
CA ILE A 42 7.45 -19.56 25.29
C ILE A 42 7.51 -18.75 26.59
N PRO A 43 8.73 -18.48 26.93
CA PRO A 43 9.06 -17.73 28.10
C PRO A 43 8.37 -16.40 28.00
N SER A 44 7.49 -16.20 28.94
CA SER A 44 6.71 -14.98 29.03
C SER A 44 7.53 -13.72 29.29
N ASP A 45 8.82 -13.92 29.42
CA ASP A 45 9.68 -12.81 29.67
C ASP A 45 10.73 -12.69 28.57
N ILE A 46 10.56 -13.53 27.52
CA ILE A 46 11.48 -13.55 26.37
C ILE A 46 11.73 -12.14 25.78
N VAL A 47 10.67 -11.31 25.82
CA VAL A 47 10.66 -9.91 25.39
C VAL A 47 10.04 -8.98 26.45
N PRO A 48 10.51 -7.73 26.48
CA PRO A 48 10.02 -6.72 27.42
C PRO A 48 8.60 -6.14 27.12
N ASN A 49 7.90 -5.59 28.13
CA ASN A 49 6.58 -4.97 27.94
C ASN A 49 5.64 -5.86 27.14
N CYS A 50 5.81 -7.18 27.33
CA CYS A 50 5.03 -8.19 26.64
C CYS A 50 3.72 -8.41 27.34
N THR A 51 2.67 -8.39 26.54
CA THR A 51 1.36 -8.63 27.04
C THR A 51 1.08 -10.12 26.96
N VAL A 52 0.89 -10.77 28.10
CA VAL A 52 0.64 -12.21 28.09
C VAL A 52 -0.83 -12.53 28.13
N VAL A 53 -1.20 -13.50 27.31
CA VAL A 53 -2.60 -13.90 27.22
C VAL A 53 -2.75 -15.40 27.39
N ASP A 54 -3.51 -15.75 28.41
CA ASP A 54 -3.70 -17.15 28.67
C ASP A 54 -4.84 -17.76 27.89
N LEU A 55 -4.56 -18.64 26.94
CA LEU A 55 -5.69 -19.17 26.19
C LEU A 55 -5.88 -20.61 26.52
N SER A 56 -5.42 -20.97 27.70
CA SER A 56 -5.51 -22.35 28.07
C SER A 56 -6.95 -22.84 27.97
N GLY A 57 -7.10 -24.00 27.36
CA GLY A 57 -8.45 -24.53 27.23
C GLY A 57 -9.19 -23.99 26.01
N GLN A 58 -8.48 -23.17 25.23
CA GLN A 58 -9.06 -22.59 24.05
C GLN A 58 -8.37 -22.98 22.78
N ILE A 59 -9.02 -22.67 21.64
CA ILE A 59 -8.43 -22.96 20.35
C ILE A 59 -8.04 -21.70 19.64
N LEU A 60 -6.96 -21.86 18.95
CA LEU A 60 -6.45 -20.77 18.20
C LEU A 60 -6.30 -21.21 16.76
N CYS A 61 -6.82 -20.34 15.89
CA CYS A 61 -6.73 -20.58 14.48
C CYS A 61 -6.69 -19.23 13.73
N PRO A 62 -6.37 -19.32 12.44
CA PRO A 62 -6.24 -18.13 11.60
C PRO A 62 -7.60 -17.48 11.29
N GLY A 63 -7.55 -16.16 11.06
CA GLY A 63 -8.76 -15.41 10.72
C GLY A 63 -9.31 -15.84 9.36
N PHE A 64 -10.62 -15.75 9.21
CA PHE A 64 -11.23 -16.09 7.94
C PHE A 64 -10.95 -15.01 6.91
N ILE A 65 -10.95 -15.49 5.67
CA ILE A 65 -10.77 -14.72 4.49
C ILE A 65 -12.04 -14.94 3.68
N ASP A 66 -12.83 -13.87 3.55
CA ASP A 66 -14.09 -13.94 2.81
C ASP A 66 -13.88 -13.23 1.48
N GLN A 67 -13.80 -14.05 0.42
CA GLN A 67 -13.50 -13.45 -0.87
C GLN A 67 -14.72 -13.03 -1.64
N HIS A 68 -15.88 -12.86 -1.01
CA HIS A 68 -17.05 -12.47 -1.77
C HIS A 68 -17.97 -11.61 -0.97
N VAL A 69 -17.66 -10.34 -0.86
CA VAL A 69 -18.53 -9.52 -0.05
C VAL A 69 -18.84 -8.20 -0.74
N HIS A 70 -20.08 -7.81 -0.69
CA HIS A 70 -20.53 -6.55 -1.26
C HIS A 70 -20.25 -5.42 -0.27
N LEU A 71 -18.98 -5.11 -0.05
CA LEU A 71 -18.59 -4.07 0.91
C LEU A 71 -19.43 -2.76 0.90
N ILE A 72 -19.87 -2.27 -0.29
CA ILE A 72 -20.60 -0.99 -0.37
C ILE A 72 -22.10 -1.15 -0.46
N GLY A 73 -22.54 -2.39 -0.47
CA GLY A 73 -23.97 -2.61 -0.61
C GLY A 73 -24.14 -3.26 -1.95
N GLY A 74 -25.28 -3.90 -2.17
CA GLY A 74 -25.53 -4.57 -3.40
C GLY A 74 -26.99 -4.48 -3.63
N GLY A 75 -27.53 -5.58 -4.12
CA GLY A 75 -28.98 -5.61 -4.35
C GLY A 75 -29.45 -4.70 -5.49
N GLY A 76 -30.72 -4.30 -5.46
CA GLY A 76 -31.32 -3.47 -6.49
C GLY A 76 -32.29 -4.22 -7.43
N GLU A 77 -32.27 -5.57 -7.45
CA GLU A 77 -33.15 -6.34 -8.36
C GLU A 77 -34.64 -6.02 -8.32
N ALA A 78 -35.06 -5.34 -7.31
CA ALA A 78 -36.44 -5.02 -7.27
C ALA A 78 -36.60 -3.53 -7.04
N GLY A 79 -35.81 -2.74 -7.72
CA GLY A 79 -35.97 -1.32 -7.51
C GLY A 79 -35.01 -0.83 -6.46
N PRO A 80 -34.85 0.50 -6.40
CA PRO A 80 -33.93 1.22 -5.55
C PRO A 80 -34.07 1.00 -4.06
N THR A 81 -35.29 0.68 -3.68
CA THR A 81 -35.49 0.43 -2.26
C THR A 81 -34.76 -0.85 -1.90
N THR A 82 -34.40 -1.69 -2.89
CA THR A 82 -33.70 -2.91 -2.48
C THR A 82 -32.18 -2.86 -2.61
N ARG A 83 -31.62 -1.66 -2.59
CA ARG A 83 -30.20 -1.44 -2.59
C ARG A 83 -29.71 -1.68 -1.16
N THR A 84 -28.94 -2.77 -0.95
CA THR A 84 -28.50 -3.05 0.38
C THR A 84 -27.50 -2.04 0.87
N PRO A 85 -27.30 -2.07 2.13
CA PRO A 85 -26.38 -1.16 2.78
C PRO A 85 -24.92 -1.65 2.82
N GLU A 86 -24.05 -0.68 3.14
CA GLU A 86 -22.64 -0.95 3.23
C GLU A 86 -22.33 -1.86 4.40
N VAL A 87 -21.16 -2.48 4.33
CA VAL A 87 -20.78 -3.41 5.36
C VAL A 87 -20.09 -2.64 6.44
N ALA A 88 -20.41 -2.95 7.69
CA ALA A 88 -19.75 -2.30 8.83
C ALA A 88 -18.68 -3.20 9.44
N LEU A 89 -17.58 -2.57 9.76
CA LEU A 89 -16.48 -3.29 10.35
C LEU A 89 -16.85 -4.39 11.38
N SER A 90 -17.52 -3.99 12.46
CA SER A 90 -17.84 -4.95 13.51
C SER A 90 -18.61 -6.16 12.99
N ARG A 91 -19.38 -6.00 11.93
CA ARG A 91 -20.10 -7.15 11.41
C ARG A 91 -19.14 -8.22 10.93
N LEU A 92 -18.03 -7.76 10.37
CA LEU A 92 -17.03 -8.66 9.85
C LEU A 92 -16.24 -9.40 10.93
N THR A 93 -15.65 -8.59 11.80
CA THR A 93 -14.84 -9.09 12.88
C THR A 93 -15.61 -10.07 13.76
N GLU A 94 -16.79 -9.67 14.16
CA GLU A 94 -17.59 -10.53 14.97
C GLU A 94 -17.82 -11.89 14.32
N ALA A 95 -17.83 -11.96 13.01
CA ALA A 95 -18.05 -13.24 12.33
C ALA A 95 -16.76 -13.97 12.07
N GLY A 96 -15.63 -13.36 12.50
CA GLY A 96 -14.30 -13.92 12.38
C GLY A 96 -13.58 -13.58 11.07
N VAL A 97 -14.09 -12.57 10.33
CA VAL A 97 -13.47 -12.20 9.06
C VAL A 97 -12.38 -11.16 9.28
N THR A 98 -11.14 -11.53 8.94
CA THR A 98 -10.04 -10.58 9.11
C THR A 98 -9.52 -10.07 7.79
N SER A 99 -9.92 -10.77 6.73
CA SER A 99 -9.52 -10.47 5.36
C SER A 99 -10.71 -10.61 4.47
N VAL A 100 -10.87 -9.61 3.62
CA VAL A 100 -11.99 -9.59 2.70
C VAL A 100 -11.68 -9.10 1.25
N VAL A 101 -12.43 -9.67 0.27
CA VAL A 101 -12.36 -9.26 -1.14
C VAL A 101 -13.72 -8.70 -1.47
N GLY A 102 -13.80 -7.39 -1.74
CA GLY A 102 -15.06 -6.70 -2.06
C GLY A 102 -15.35 -6.74 -3.58
N LEU A 103 -16.63 -6.76 -3.94
CA LEU A 103 -16.99 -6.82 -5.34
C LEU A 103 -18.37 -6.23 -5.48
N LEU A 104 -18.77 -6.03 -6.72
CA LEU A 104 -20.07 -5.49 -7.14
C LEU A 104 -20.85 -6.64 -7.82
N GLY A 105 -22.19 -6.50 -7.95
CA GLY A 105 -23.04 -7.56 -8.53
C GLY A 105 -23.89 -7.07 -9.67
N THR A 106 -25.18 -7.29 -9.52
CA THR A 106 -26.10 -6.93 -10.57
C THR A 106 -25.99 -5.49 -11.00
N ASP A 107 -26.05 -4.62 -10.02
CA ASP A 107 -26.05 -3.22 -10.35
C ASP A 107 -24.70 -2.57 -10.42
N SER A 108 -24.42 -2.06 -11.61
CA SER A 108 -23.22 -1.31 -11.81
C SER A 108 -23.58 0.04 -12.40
N ILE A 109 -24.77 0.53 -12.04
CA ILE A 109 -25.28 1.81 -12.50
C ILE A 109 -25.33 2.75 -11.31
N SER A 110 -25.79 2.26 -10.18
CA SER A 110 -25.82 3.19 -9.09
C SER A 110 -24.70 2.82 -8.17
N ARG A 111 -23.95 1.76 -8.57
CA ARG A 111 -22.76 1.22 -7.82
C ARG A 111 -21.51 1.40 -8.69
N HIS A 112 -20.41 1.88 -8.08
CA HIS A 112 -19.19 2.23 -8.79
C HIS A 112 -17.90 1.68 -8.19
N PRO A 113 -16.95 1.28 -9.06
CA PRO A 113 -15.70 0.75 -8.58
C PRO A 113 -14.96 1.80 -7.76
N GLU A 114 -15.10 3.08 -8.10
CA GLU A 114 -14.41 4.07 -7.29
C GLU A 114 -14.94 4.09 -5.88
N SER A 115 -16.22 3.83 -5.72
CA SER A 115 -16.74 3.84 -4.36
C SER A 115 -16.25 2.61 -3.60
N LEU A 116 -16.30 1.45 -4.27
CA LEU A 116 -15.85 0.18 -3.73
C LEU A 116 -14.40 0.33 -3.29
N LEU A 117 -13.61 0.97 -4.16
CA LEU A 117 -12.20 1.16 -3.84
C LEU A 117 -12.03 2.01 -2.58
N ALA A 118 -12.82 3.06 -2.43
CA ALA A 118 -12.68 3.90 -1.22
C ALA A 118 -13.00 3.12 0.07
N LYS A 119 -14.06 2.31 -0.03
CA LYS A 119 -14.50 1.51 1.09
C LYS A 119 -13.43 0.48 1.49
N THR A 120 -12.78 -0.11 0.45
CA THR A 120 -11.71 -1.10 0.64
C THR A 120 -10.58 -0.49 1.43
N ARG A 121 -10.26 0.75 1.10
CA ARG A 121 -9.21 1.48 1.77
C ARG A 121 -9.56 1.84 3.20
N ALA A 122 -10.81 2.20 3.40
CA ALA A 122 -11.32 2.58 4.72
C ALA A 122 -11.18 1.40 5.65
N LEU A 123 -11.52 0.24 5.13
CA LEU A 123 -11.39 -0.99 5.93
C LEU A 123 -9.94 -1.35 6.27
N ASN A 124 -9.06 -1.14 5.32
CA ASN A 124 -7.71 -1.46 5.68
C ASN A 124 -7.31 -0.49 6.76
N GLU A 125 -7.75 0.73 6.63
CA GLU A 125 -7.33 1.69 7.60
C GLU A 125 -7.97 1.49 8.96
N GLU A 126 -9.15 0.91 8.96
CA GLU A 126 -9.80 0.64 10.21
C GLU A 126 -9.15 -0.52 10.99
N GLY A 127 -8.46 -1.43 10.31
CA GLY A 127 -7.85 -2.50 11.09
C GLY A 127 -7.80 -3.84 10.40
N ILE A 128 -8.64 -4.07 9.41
CA ILE A 128 -8.51 -5.38 8.78
C ILE A 128 -7.82 -5.27 7.43
N SER A 129 -7.94 -6.32 6.63
CA SER A 129 -7.28 -6.38 5.33
C SER A 129 -8.31 -6.50 4.23
N ALA A 130 -8.26 -5.59 3.22
CA ALA A 130 -9.29 -5.65 2.18
C ALA A 130 -8.78 -5.43 0.78
N TRP A 131 -9.36 -6.14 -0.19
CA TRP A 131 -9.03 -6.06 -1.60
C TRP A 131 -10.34 -5.99 -2.34
N MET A 132 -10.24 -5.87 -3.65
CA MET A 132 -11.44 -5.82 -4.47
C MET A 132 -11.20 -6.37 -5.86
N LEU A 133 -12.32 -6.65 -6.53
CA LEU A 133 -12.32 -7.10 -7.90
C LEU A 133 -12.88 -5.93 -8.67
N THR A 134 -12.39 -5.69 -9.86
CA THR A 134 -12.96 -4.66 -10.69
C THR A 134 -14.10 -5.34 -11.50
N GLY A 135 -14.85 -4.53 -12.25
CA GLY A 135 -15.94 -5.06 -13.03
C GLY A 135 -17.20 -5.27 -12.18
N ALA A 136 -18.12 -6.05 -12.74
CA ALA A 136 -19.39 -6.37 -12.15
C ALA A 136 -20.04 -7.45 -13.02
N TYR A 137 -21.36 -7.60 -12.95
CA TYR A 137 -22.04 -8.62 -13.73
C TYR A 137 -21.85 -8.26 -15.16
N HIS A 138 -22.00 -6.96 -15.40
CA HIS A 138 -21.89 -6.45 -16.74
C HIS A 138 -20.57 -6.75 -17.43
N VAL A 139 -20.70 -7.25 -18.66
CA VAL A 139 -19.61 -7.55 -19.57
C VAL A 139 -20.00 -6.92 -20.88
N PRO A 140 -19.13 -6.07 -21.43
CA PRO A 140 -17.82 -5.71 -20.94
C PRO A 140 -17.84 -4.92 -19.64
N SER A 141 -16.80 -5.18 -18.87
CA SER A 141 -16.57 -4.63 -17.55
C SER A 141 -16.56 -3.13 -17.46
N ARG A 142 -17.11 -2.66 -16.36
CA ARG A 142 -17.10 -1.24 -16.07
C ARG A 142 -15.96 -1.09 -15.08
N THR A 143 -14.91 -0.42 -15.49
CA THR A 143 -13.69 -0.29 -14.70
C THR A 143 -13.40 1.12 -14.24
N ILE A 144 -12.28 1.30 -13.58
CA ILE A 144 -11.88 2.60 -13.10
C ILE A 144 -11.04 3.38 -14.09
N THR A 145 -10.09 2.69 -14.73
CA THR A 145 -9.17 3.35 -15.68
C THR A 145 -9.59 3.22 -17.14
N GLY A 146 -10.64 2.43 -17.38
CA GLY A 146 -11.10 2.19 -18.72
C GLY A 146 -10.63 0.85 -19.27
N SER A 147 -9.71 0.20 -18.57
CA SER A 147 -9.27 -1.10 -19.08
C SER A 147 -9.15 -2.08 -17.93
N VAL A 148 -9.58 -3.32 -18.15
CA VAL A 148 -9.45 -4.33 -17.09
C VAL A 148 -7.97 -4.52 -16.75
N GLU A 149 -7.13 -4.73 -17.77
CA GLU A 149 -5.69 -4.95 -17.59
C GLU A 149 -5.05 -3.82 -16.79
N LYS A 150 -5.37 -2.59 -17.16
CA LYS A 150 -4.82 -1.43 -16.49
C LYS A 150 -5.30 -1.31 -15.06
N ASP A 151 -6.57 -1.65 -14.79
CA ASP A 151 -7.07 -1.63 -13.39
C ASP A 151 -6.31 -2.64 -12.48
N VAL A 152 -6.22 -3.88 -12.98
CA VAL A 152 -5.54 -4.92 -12.23
C VAL A 152 -4.06 -4.61 -12.12
N ALA A 153 -3.53 -4.07 -13.19
CA ALA A 153 -2.14 -3.78 -13.15
C ALA A 153 -1.84 -2.57 -12.28
N ILE A 154 -2.64 -1.54 -12.38
CA ILE A 154 -2.29 -0.35 -11.66
C ILE A 154 -3.02 0.06 -10.41
N ILE A 155 -4.18 -0.48 -10.12
CA ILE A 155 -4.81 -0.02 -8.87
C ILE A 155 -4.39 -1.01 -7.82
N ASP A 156 -3.66 -0.48 -6.85
CA ASP A 156 -3.15 -1.35 -5.83
C ASP A 156 -4.15 -2.29 -5.19
N ARG A 157 -5.37 -1.89 -4.84
CA ARG A 157 -6.26 -2.88 -4.19
C ARG A 157 -6.92 -3.87 -5.16
N VAL A 158 -6.86 -3.62 -6.49
CA VAL A 158 -7.53 -4.53 -7.43
C VAL A 158 -6.73 -5.78 -7.66
N ILE A 159 -7.37 -6.96 -7.47
CA ILE A 159 -6.66 -8.23 -7.70
C ILE A 159 -7.21 -9.08 -8.85
N GLY A 160 -8.30 -8.65 -9.44
CA GLY A 160 -8.89 -9.45 -10.51
C GLY A 160 -10.15 -8.79 -10.97
N VAL A 161 -10.94 -9.55 -11.72
CA VAL A 161 -12.17 -9.01 -12.30
C VAL A 161 -13.33 -9.95 -12.09
N LYS A 162 -14.50 -9.29 -11.97
CA LYS A 162 -15.76 -9.96 -11.76
C LYS A 162 -16.64 -9.90 -13.02
N CYS A 163 -17.50 -10.91 -13.19
CA CYS A 163 -18.46 -11.00 -14.27
C CYS A 163 -19.59 -11.96 -13.90
N ALA A 164 -20.66 -12.03 -14.73
CA ALA A 164 -21.74 -12.98 -14.49
C ALA A 164 -22.01 -13.82 -15.75
N ILE A 165 -22.26 -15.13 -15.64
CA ILE A 165 -22.58 -15.96 -16.80
C ILE A 165 -23.73 -16.92 -16.49
N SER A 166 -24.34 -17.54 -17.50
CA SER A 166 -25.43 -18.50 -17.27
C SER A 166 -26.48 -17.99 -16.30
N ASP A 167 -26.89 -16.74 -16.51
CA ASP A 167 -27.83 -16.10 -15.61
C ASP A 167 -28.68 -15.10 -16.39
N HIS A 168 -29.96 -15.05 -16.01
CA HIS A 168 -30.90 -14.17 -16.69
C HIS A 168 -30.58 -12.70 -16.44
N ARG A 169 -29.53 -12.38 -15.68
CA ARG A 169 -29.16 -10.99 -15.41
C ARG A 169 -27.80 -10.67 -16.00
N SER A 170 -27.28 -11.60 -16.81
CA SER A 170 -25.97 -11.37 -17.46
C SER A 170 -26.15 -10.33 -18.58
N ALA A 171 -25.06 -9.89 -19.16
CA ALA A 171 -25.11 -8.95 -20.28
C ALA A 171 -25.00 -9.74 -21.59
N ALA A 172 -25.29 -11.06 -21.53
CA ALA A 172 -25.22 -11.90 -22.71
C ALA A 172 -23.86 -11.81 -23.44
N PRO A 173 -22.74 -11.91 -22.71
CA PRO A 173 -21.49 -11.81 -23.43
C PRO A 173 -21.28 -13.08 -24.23
N ASP A 174 -20.47 -12.86 -25.25
CA ASP A 174 -20.04 -13.92 -26.13
C ASP A 174 -18.65 -14.35 -25.67
N VAL A 175 -18.26 -15.49 -26.17
CA VAL A 175 -16.97 -16.03 -25.84
C VAL A 175 -15.81 -15.05 -25.97
N TYR A 176 -15.77 -14.27 -27.07
CA TYR A 176 -14.67 -13.33 -27.24
C TYR A 176 -14.53 -12.31 -26.08
N HIS A 177 -15.67 -11.81 -25.68
CA HIS A 177 -15.68 -10.83 -24.62
C HIS A 177 -15.19 -11.42 -23.35
N LEU A 178 -15.61 -12.65 -23.11
CA LEU A 178 -15.19 -13.29 -21.89
C LEU A 178 -13.72 -13.54 -21.88
N ALA A 179 -13.27 -14.13 -22.99
CA ALA A 179 -11.87 -14.48 -23.18
C ALA A 179 -10.97 -13.25 -23.00
N ASN A 180 -11.28 -12.21 -23.72
CA ASN A 180 -10.47 -11.02 -23.61
C ASN A 180 -10.36 -10.46 -22.18
N MET A 181 -11.51 -10.43 -21.52
CA MET A 181 -11.59 -9.93 -20.18
C MET A 181 -10.70 -10.70 -19.28
N ALA A 182 -10.77 -12.02 -19.40
CA ALA A 182 -9.97 -12.92 -18.60
C ALA A 182 -8.46 -12.75 -18.84
N ALA A 183 -8.14 -12.62 -20.12
CA ALA A 183 -6.79 -12.46 -20.56
C ALA A 183 -6.19 -11.17 -20.01
N GLU A 184 -7.03 -10.11 -20.02
CA GLU A 184 -6.59 -8.82 -19.51
C GLU A 184 -6.32 -8.86 -18.04
N SER A 185 -7.17 -9.62 -17.32
CA SER A 185 -6.99 -9.73 -15.88
C SER A 185 -5.69 -10.47 -15.64
N ARG A 186 -5.54 -11.55 -16.40
CA ARG A 186 -4.37 -12.40 -16.29
C ARG A 186 -3.09 -11.59 -16.44
N VAL A 187 -3.04 -10.88 -17.55
CA VAL A 187 -1.89 -10.09 -17.83
C VAL A 187 -1.73 -8.91 -16.83
N GLY A 188 -2.79 -8.19 -16.49
CA GLY A 188 -2.61 -7.08 -15.55
C GLY A 188 -2.11 -7.60 -14.21
N GLY A 189 -2.43 -8.86 -13.90
CA GLY A 189 -2.01 -9.49 -12.65
C GLY A 189 -0.50 -9.76 -12.59
N LEU A 190 0.08 -10.21 -13.71
CA LEU A 190 1.53 -10.45 -13.69
C LEU A 190 2.28 -9.13 -13.46
N LEU A 191 1.82 -8.14 -14.16
CA LEU A 191 2.42 -6.82 -14.15
C LEU A 191 2.33 -6.13 -12.84
N GLY A 192 1.15 -6.31 -12.23
CA GLY A 192 0.84 -5.67 -10.96
C GLY A 192 1.16 -6.58 -9.78
N GLY A 193 1.44 -7.83 -10.06
CA GLY A 193 1.75 -8.70 -8.95
C GLY A 193 0.48 -9.10 -8.23
N LYS A 194 -0.58 -9.32 -9.01
CA LYS A 194 -1.84 -9.72 -8.45
C LYS A 194 -2.10 -11.10 -8.98
N PRO A 195 -2.99 -11.82 -8.36
CA PRO A 195 -3.28 -13.15 -8.83
C PRO A 195 -3.83 -13.11 -10.22
N GLY A 196 -4.54 -12.02 -10.54
CA GLY A 196 -5.16 -11.79 -11.86
C GLY A 196 -6.29 -12.78 -12.16
N VAL A 197 -7.23 -12.98 -11.24
CA VAL A 197 -8.27 -13.96 -11.52
C VAL A 197 -9.49 -13.34 -12.12
N THR A 198 -10.35 -14.22 -12.56
CA THR A 198 -11.64 -13.87 -13.09
C THR A 198 -12.62 -14.71 -12.33
N VAL A 199 -13.56 -14.06 -11.66
CA VAL A 199 -14.59 -14.72 -10.86
C VAL A 199 -15.92 -14.69 -11.58
N PHE A 200 -16.48 -15.86 -11.76
CA PHE A 200 -17.72 -15.91 -12.49
C PHE A 200 -18.91 -16.16 -11.65
N HIS A 201 -19.82 -15.20 -11.59
CA HIS A 201 -21.04 -15.44 -10.86
C HIS A 201 -21.80 -16.45 -11.73
N MET A 202 -22.32 -17.52 -11.16
CA MET A 202 -23.08 -18.47 -11.95
C MET A 202 -24.56 -18.31 -11.59
N GLY A 203 -25.38 -18.36 -12.60
CA GLY A 203 -26.79 -18.27 -12.41
C GLY A 203 -27.30 -19.69 -12.59
N ASP A 204 -28.61 -19.78 -12.78
CA ASP A 204 -29.32 -21.02 -12.93
C ASP A 204 -29.48 -21.47 -14.38
N SER A 205 -28.88 -20.74 -15.33
CA SER A 205 -29.10 -21.16 -16.68
C SER A 205 -28.74 -22.62 -16.90
N LYS A 206 -29.37 -23.30 -17.83
CA LYS A 206 -29.02 -24.69 -18.01
C LYS A 206 -27.66 -24.91 -18.63
N LYS A 207 -27.13 -23.86 -19.21
CA LYS A 207 -25.82 -23.96 -19.85
C LYS A 207 -24.73 -24.18 -18.81
N ALA A 208 -25.02 -23.80 -17.56
CA ALA A 208 -24.08 -23.97 -16.48
C ALA A 208 -22.67 -23.46 -16.80
N LEU A 209 -21.71 -24.38 -16.70
CA LEU A 209 -20.29 -24.05 -16.93
C LEU A 209 -19.78 -23.99 -18.36
N GLN A 210 -20.63 -24.27 -19.35
CA GLN A 210 -20.22 -24.26 -20.75
C GLN A 210 -19.37 -23.05 -21.16
N PRO A 211 -19.87 -21.85 -20.85
CA PRO A 211 -19.13 -20.66 -21.19
C PRO A 211 -17.68 -20.75 -20.72
N ILE A 212 -17.44 -21.34 -19.54
CA ILE A 212 -16.06 -21.45 -19.04
C ILE A 212 -15.26 -22.40 -19.86
N TYR A 213 -15.89 -23.48 -20.33
CA TYR A 213 -15.23 -24.43 -21.19
C TYR A 213 -14.89 -23.84 -22.56
N ASP A 214 -15.84 -23.10 -23.11
CA ASP A 214 -15.68 -22.46 -24.41
C ASP A 214 -14.51 -21.52 -24.31
N LEU A 215 -14.55 -20.68 -23.26
CA LEU A 215 -13.50 -19.71 -23.01
C LEU A 215 -12.14 -20.40 -23.02
N LEU A 216 -12.08 -21.52 -22.34
CA LEU A 216 -10.83 -22.23 -22.32
C LEU A 216 -10.38 -22.59 -23.71
N GLU A 217 -11.30 -23.11 -24.50
CA GLU A 217 -10.90 -23.46 -25.86
C GLU A 217 -10.55 -22.26 -26.73
N ASN A 218 -10.73 -21.04 -26.21
CA ASN A 218 -10.47 -19.86 -27.01
C ASN A 218 -9.42 -18.87 -26.55
N CYS A 219 -8.66 -19.27 -25.57
CA CYS A 219 -7.58 -18.40 -25.12
C CYS A 219 -6.59 -19.31 -24.38
N ASP A 220 -5.55 -18.69 -23.80
CA ASP A 220 -4.53 -19.46 -23.10
C ASP A 220 -4.39 -19.14 -21.62
N VAL A 221 -5.53 -18.72 -21.03
CA VAL A 221 -5.63 -18.39 -19.60
C VAL A 221 -5.69 -19.71 -18.85
N PRO A 222 -4.80 -19.82 -17.87
CA PRO A 222 -4.68 -21.03 -17.08
C PRO A 222 -5.95 -21.30 -16.30
N ILE A 223 -6.35 -22.55 -16.31
CA ILE A 223 -7.54 -22.87 -15.59
C ILE A 223 -7.49 -22.38 -14.14
N SER A 224 -6.29 -22.29 -13.61
CA SER A 224 -6.08 -21.83 -12.25
C SER A 224 -6.49 -20.37 -11.98
N LYS A 225 -6.84 -19.59 -12.99
CA LYS A 225 -7.21 -18.17 -12.71
C LYS A 225 -8.72 -17.91 -12.70
N LEU A 226 -9.45 -18.98 -13.02
CA LEU A 226 -10.90 -18.92 -13.18
C LEU A 226 -11.74 -19.50 -12.06
N LEU A 227 -12.55 -18.64 -11.46
CA LEU A 227 -13.35 -19.06 -10.34
C LEU A 227 -14.85 -18.90 -10.46
N PRO A 228 -15.46 -20.07 -10.62
CA PRO A 228 -16.90 -20.14 -10.67
C PRO A 228 -17.36 -20.11 -9.22
N THR A 229 -18.33 -19.23 -8.90
CA THR A 229 -18.84 -19.06 -7.55
C THR A 229 -20.35 -19.43 -7.50
N HIS A 230 -20.95 -19.61 -6.28
CA HIS A 230 -22.35 -20.02 -6.09
C HIS A 230 -22.66 -21.36 -6.80
N VAL A 231 -21.66 -22.22 -6.92
CA VAL A 231 -21.77 -23.52 -7.60
C VAL A 231 -22.81 -24.52 -6.98
N ASN A 232 -23.15 -24.26 -5.70
CA ASN A 232 -24.11 -25.04 -4.95
C ASN A 232 -25.56 -24.65 -5.21
N ARG A 233 -25.75 -23.60 -6.02
CA ARG A 233 -27.06 -23.05 -6.31
C ARG A 233 -28.01 -24.02 -6.95
N ASN A 234 -27.43 -24.98 -7.63
CA ASN A 234 -28.25 -25.97 -8.23
C ASN A 234 -27.44 -27.17 -8.51
N VAL A 235 -28.16 -28.23 -8.44
CA VAL A 235 -27.59 -29.52 -8.60
C VAL A 235 -26.70 -29.79 -9.75
N PRO A 236 -27.28 -29.75 -10.90
CA PRO A 236 -26.56 -29.99 -12.11
C PRO A 236 -25.34 -29.08 -12.29
N LEU A 237 -25.42 -27.85 -11.79
CA LEU A 237 -24.30 -26.94 -11.85
C LEU A 237 -23.31 -27.47 -10.84
N PHE A 238 -23.81 -27.76 -9.65
CA PHE A 238 -22.89 -28.32 -8.66
C PHE A 238 -22.08 -29.51 -9.21
N GLU A 239 -22.78 -30.49 -9.77
CA GLU A 239 -22.13 -31.65 -10.35
C GLU A 239 -21.07 -31.27 -11.38
N GLN A 240 -21.37 -30.28 -12.20
CA GLN A 240 -20.39 -29.85 -13.21
C GLN A 240 -19.16 -29.24 -12.55
N ALA A 241 -19.41 -28.50 -11.47
CA ALA A 241 -18.36 -27.85 -10.71
C ALA A 241 -17.37 -28.90 -10.22
N LEU A 242 -17.90 -30.05 -9.79
CA LEU A 242 -17.03 -31.11 -9.31
C LEU A 242 -16.06 -31.56 -10.35
N GLU A 243 -16.55 -31.75 -11.58
CA GLU A 243 -15.59 -32.18 -12.57
C GLU A 243 -14.70 -31.05 -12.95
N PHE A 244 -15.22 -29.82 -12.89
CA PHE A 244 -14.32 -28.73 -13.21
C PHE A 244 -13.14 -28.76 -12.21
N ALA A 245 -13.44 -28.93 -10.92
CA ALA A 245 -12.36 -28.93 -9.93
C ALA A 245 -11.45 -30.11 -10.18
N ARG A 246 -12.06 -31.21 -10.48
CA ARG A 246 -11.23 -32.36 -10.73
C ARG A 246 -10.30 -32.15 -11.92
N LYS A 247 -10.69 -31.33 -12.87
CA LYS A 247 -9.80 -31.09 -14.00
C LYS A 247 -8.68 -30.16 -13.57
N GLY A 248 -8.78 -29.67 -12.35
CA GLY A 248 -7.71 -28.76 -11.91
C GLY A 248 -8.21 -27.37 -11.54
N GLY A 249 -9.51 -27.10 -11.71
CA GLY A 249 -10.02 -25.80 -11.31
C GLY A 249 -10.43 -25.82 -9.81
N THR A 250 -10.65 -24.62 -9.28
CA THR A 250 -11.06 -24.32 -7.92
C THR A 250 -12.50 -23.85 -8.05
N ILE A 251 -13.35 -24.22 -7.09
CA ILE A 251 -14.75 -23.85 -7.08
C ILE A 251 -15.08 -23.15 -5.79
N ASP A 252 -15.95 -22.19 -5.85
CA ASP A 252 -16.28 -21.45 -4.66
C ASP A 252 -17.72 -21.73 -4.29
N ILE A 253 -17.89 -22.18 -3.05
CA ILE A 253 -19.20 -22.50 -2.52
C ILE A 253 -19.70 -21.33 -1.69
N THR A 254 -20.99 -21.02 -1.83
CA THR A 254 -21.53 -19.87 -1.08
C THR A 254 -22.22 -20.40 0.12
N SER A 255 -21.85 -19.82 1.28
CA SER A 255 -22.34 -20.22 2.61
C SER A 255 -23.76 -19.79 2.90
N SER A 256 -24.17 -18.77 2.15
CA SER A 256 -25.48 -18.14 2.25
C SER A 256 -26.59 -18.86 1.47
N ILE A 257 -26.29 -20.04 0.89
CA ILE A 257 -27.23 -20.87 0.13
C ILE A 257 -27.39 -22.20 0.83
N ASP A 258 -28.57 -22.45 1.35
CA ASP A 258 -28.83 -23.71 2.05
C ASP A 258 -29.40 -24.86 1.20
N GLU A 259 -30.00 -24.48 0.09
CA GLU A 259 -30.64 -25.39 -0.84
C GLU A 259 -30.30 -24.99 -2.26
N PRO A 260 -30.17 -25.97 -3.17
CA PRO A 260 -30.32 -27.42 -2.95
C PRO A 260 -29.14 -28.15 -2.30
N VAL A 261 -27.96 -27.53 -2.41
CA VAL A 261 -26.76 -28.08 -1.84
C VAL A 261 -26.31 -27.10 -0.81
N ALA A 262 -26.36 -27.58 0.41
CA ALA A 262 -25.94 -26.74 1.49
C ALA A 262 -24.40 -26.69 1.52
N PRO A 263 -23.87 -25.61 2.04
CA PRO A 263 -22.45 -25.45 2.10
C PRO A 263 -21.65 -26.64 2.65
N ALA A 264 -21.89 -27.09 3.89
CA ALA A 264 -21.11 -28.22 4.40
C ALA A 264 -21.30 -29.46 3.55
N GLU A 265 -22.49 -29.58 3.00
CA GLU A 265 -22.78 -30.71 2.13
C GLU A 265 -21.91 -30.69 0.89
N GLY A 266 -21.81 -29.51 0.31
CA GLY A 266 -21.01 -29.41 -0.88
C GLY A 266 -19.55 -29.71 -0.59
N ILE A 267 -19.09 -29.20 0.51
CA ILE A 267 -17.71 -29.46 0.83
C ILE A 267 -17.48 -30.96 1.06
N ALA A 268 -18.37 -31.59 1.82
CA ALA A 268 -18.24 -33.00 2.08
C ALA A 268 -18.31 -33.75 0.76
N ARG A 269 -19.22 -33.33 -0.09
CA ARG A 269 -19.31 -34.00 -1.36
C ARG A 269 -18.03 -33.92 -2.18
N ALA A 270 -17.46 -32.72 -2.21
CA ALA A 270 -16.24 -32.50 -2.97
C ALA A 270 -15.24 -33.55 -2.54
N VAL A 271 -15.15 -33.65 -1.24
CA VAL A 271 -14.23 -34.60 -0.67
C VAL A 271 -14.62 -36.03 -1.05
N GLN A 272 -15.92 -36.35 -1.05
CA GLN A 272 -16.26 -37.72 -1.42
C GLN A 272 -15.79 -38.03 -2.83
N ALA A 273 -15.86 -37.01 -3.67
CA ALA A 273 -15.49 -37.16 -5.06
C ALA A 273 -14.01 -37.21 -5.26
N GLY A 274 -13.25 -37.02 -4.21
CA GLY A 274 -11.81 -37.04 -4.39
C GLY A 274 -11.22 -35.65 -4.61
N ILE A 275 -12.01 -34.61 -4.39
CA ILE A 275 -11.41 -33.30 -4.59
C ILE A 275 -10.56 -32.85 -3.39
N PRO A 276 -9.41 -32.32 -3.66
CA PRO A 276 -8.55 -31.82 -2.61
C PRO A 276 -9.09 -30.48 -2.13
N LEU A 277 -9.17 -30.31 -0.82
CA LEU A 277 -9.68 -29.12 -0.15
C LEU A 277 -8.96 -27.85 -0.54
N ALA A 278 -7.85 -28.03 -1.17
CA ALA A 278 -7.09 -26.87 -1.55
C ALA A 278 -7.77 -26.24 -2.76
N ARG A 279 -8.59 -27.05 -3.40
CA ARG A 279 -9.27 -26.57 -4.57
C ARG A 279 -10.73 -26.21 -4.30
N VAL A 280 -11.09 -25.97 -3.03
CA VAL A 280 -12.45 -25.64 -2.62
C VAL A 280 -12.41 -24.46 -1.67
N THR A 281 -13.15 -23.42 -1.98
CA THR A 281 -13.18 -22.30 -1.06
C THR A 281 -14.62 -22.04 -0.68
N LEU A 282 -14.80 -21.18 0.31
CA LEU A 282 -16.13 -20.87 0.77
C LEU A 282 -16.19 -19.35 0.99
N SER A 283 -17.29 -18.70 0.54
CA SER A 283 -17.46 -17.25 0.71
C SER A 283 -18.89 -16.97 1.08
N SER A 284 -19.05 -15.82 1.67
CA SER A 284 -20.34 -15.47 2.20
C SER A 284 -21.38 -14.86 1.30
N ASN A 285 -20.92 -13.95 0.46
CA ASN A 285 -21.82 -13.17 -0.35
C ASN A 285 -22.46 -12.11 0.59
N GLY A 286 -21.78 -11.84 1.73
CA GLY A 286 -22.31 -10.89 2.68
C GLY A 286 -22.74 -9.56 2.06
N ASN A 287 -23.88 -9.05 2.52
CA ASN A 287 -24.48 -7.78 2.10
C ASN A 287 -25.07 -7.83 0.72
N GLY A 288 -24.94 -8.96 0.07
CA GLY A 288 -25.52 -9.03 -1.24
C GLY A 288 -27.00 -9.37 -1.07
N SER A 289 -27.78 -9.08 -2.07
CA SER A 289 -29.16 -9.46 -1.93
C SER A 289 -29.28 -10.97 -2.28
N GLN A 290 -30.37 -11.52 -1.79
CA GLN A 290 -30.70 -12.90 -2.04
C GLN A 290 -32.08 -12.92 -2.64
N PRO A 291 -32.06 -12.70 -3.96
CA PRO A 291 -33.28 -12.63 -4.76
C PRO A 291 -33.60 -13.99 -5.37
N PHE A 292 -34.89 -14.26 -5.39
CA PHE A 292 -35.38 -15.51 -5.93
C PHE A 292 -36.28 -15.22 -7.11
N PHE A 293 -36.03 -15.94 -8.19
CA PHE A 293 -36.82 -15.64 -9.33
C PHE A 293 -37.71 -16.79 -9.76
N ASP A 294 -38.79 -16.34 -10.38
CA ASP A 294 -39.87 -17.09 -10.97
C ASP A 294 -39.39 -18.01 -12.06
N ASP A 295 -40.40 -18.57 -12.72
CA ASP A 295 -40.24 -19.45 -13.85
C ASP A 295 -40.18 -18.60 -15.11
N GLU A 296 -40.65 -17.38 -14.92
CA GLU A 296 -40.73 -16.37 -15.95
C GLU A 296 -39.69 -15.30 -15.71
N GLY A 297 -38.72 -15.67 -14.88
CA GLY A 297 -37.66 -14.77 -14.50
C GLY A 297 -38.28 -13.62 -13.70
N ASN A 298 -39.33 -13.94 -12.96
CA ASN A 298 -39.96 -12.91 -12.18
C ASN A 298 -39.52 -12.98 -10.74
N LEU A 299 -39.14 -11.82 -10.19
CA LEU A 299 -38.73 -11.80 -8.80
C LEU A 299 -39.97 -12.04 -7.89
N THR A 300 -39.79 -12.80 -6.81
CA THR A 300 -40.87 -13.12 -5.87
C THR A 300 -40.58 -12.60 -4.45
N HIS A 301 -39.38 -12.97 -4.01
CA HIS A 301 -38.83 -12.69 -2.69
C HIS A 301 -37.36 -12.13 -2.77
N ILE A 302 -36.94 -11.30 -1.81
CA ILE A 302 -35.59 -10.73 -1.79
C ILE A 302 -35.16 -10.39 -0.37
N GLY A 303 -34.01 -10.98 0.01
CA GLY A 303 -33.38 -10.81 1.31
C GLY A 303 -31.92 -10.34 1.18
N VAL A 304 -31.28 -10.19 2.33
CA VAL A 304 -29.90 -9.77 2.36
C VAL A 304 -29.06 -10.73 3.20
N ALA A 305 -27.90 -11.14 2.64
CA ALA A 305 -26.97 -12.06 3.30
C ALA A 305 -26.07 -11.42 4.40
N GLY A 306 -25.67 -12.30 5.31
CA GLY A 306 -24.81 -12.02 6.44
C GLY A 306 -23.57 -12.93 6.47
N PHE A 307 -22.77 -12.74 7.49
CA PHE A 307 -21.53 -13.45 7.62
C PHE A 307 -21.54 -14.63 8.57
N GLU A 308 -22.59 -14.78 9.37
CA GLU A 308 -22.68 -15.88 10.32
C GLU A 308 -22.66 -17.28 9.70
N THR A 309 -23.02 -17.42 8.43
CA THR A 309 -23.03 -18.73 7.78
C THR A 309 -21.64 -19.33 7.63
N LEU A 310 -20.67 -18.46 7.76
CA LEU A 310 -19.29 -18.91 7.60
C LEU A 310 -18.97 -19.87 8.74
N LEU A 311 -18.97 -19.29 9.94
CA LEU A 311 -18.70 -20.04 11.14
C LEU A 311 -19.65 -21.24 11.22
N GLU A 312 -20.89 -21.02 10.88
CA GLU A 312 -21.80 -22.14 10.97
C GLU A 312 -21.39 -23.33 10.17
N THR A 313 -20.87 -23.05 8.99
CA THR A 313 -20.45 -24.13 8.13
C THR A 313 -19.37 -24.95 8.82
N VAL A 314 -18.41 -24.25 9.39
CA VAL A 314 -17.32 -24.92 10.08
C VAL A 314 -17.86 -25.89 11.14
N GLN A 315 -18.72 -25.33 12.00
CA GLN A 315 -19.36 -26.05 13.09
C GLN A 315 -20.06 -27.28 12.58
N VAL A 316 -20.87 -27.10 11.56
CA VAL A 316 -21.56 -28.22 10.98
C VAL A 316 -20.60 -29.27 10.47
N LEU A 317 -19.62 -28.84 9.70
CA LEU A 317 -18.68 -29.78 9.14
C LEU A 317 -18.03 -30.67 10.20
N VAL A 318 -17.60 -29.99 11.25
CA VAL A 318 -16.94 -30.65 12.35
C VAL A 318 -17.89 -31.60 13.10
N LYS A 319 -18.97 -30.95 13.49
CA LYS A 319 -20.06 -31.46 14.28
C LYS A 319 -20.93 -32.47 13.61
N ASP A 320 -21.37 -32.20 12.40
CA ASP A 320 -22.24 -33.20 11.81
C ASP A 320 -21.60 -34.00 10.73
N TYR A 321 -20.37 -33.68 10.35
CA TYR A 321 -19.75 -34.37 9.22
C TYR A 321 -18.48 -35.13 9.47
N ASP A 322 -17.92 -35.00 10.65
CA ASP A 322 -16.70 -35.75 10.88
C ASP A 322 -15.44 -35.26 10.23
N PHE A 323 -15.43 -33.99 9.94
CA PHE A 323 -14.21 -33.46 9.40
C PHE A 323 -13.39 -33.09 10.61
N SER A 324 -12.09 -33.07 10.45
CA SER A 324 -11.28 -32.61 11.53
C SER A 324 -11.40 -31.07 11.46
N ILE A 325 -11.18 -30.38 12.54
CA ILE A 325 -11.24 -28.94 12.50
C ILE A 325 -10.27 -28.42 11.49
N SER A 326 -9.12 -29.07 11.44
CA SER A 326 -8.09 -28.61 10.54
C SER A 326 -8.64 -28.58 9.16
N ASP A 327 -9.22 -29.69 8.80
CA ASP A 327 -9.79 -29.78 7.48
C ASP A 327 -10.92 -28.81 7.35
N ALA A 328 -11.72 -28.73 8.36
CA ALA A 328 -12.85 -27.83 8.29
C ALA A 328 -12.49 -26.37 8.00
N LEU A 329 -11.31 -25.94 8.43
CA LEU A 329 -10.85 -24.54 8.31
C LEU A 329 -10.29 -24.09 6.95
N ARG A 330 -9.70 -25.05 6.25
CA ARG A 330 -9.01 -24.80 5.00
C ARG A 330 -9.65 -23.89 4.01
N PRO A 331 -10.92 -24.15 3.73
CA PRO A 331 -11.67 -23.40 2.73
C PRO A 331 -11.95 -21.93 3.00
N LEU A 332 -11.67 -21.53 4.25
CA LEU A 332 -11.90 -20.19 4.71
C LEU A 332 -10.59 -19.50 5.01
N THR A 333 -9.59 -20.34 4.98
CA THR A 333 -8.26 -19.89 5.34
C THR A 333 -7.20 -20.18 4.27
N SER A 334 -6.46 -21.27 4.47
CA SER A 334 -5.39 -21.65 3.58
C SER A 334 -5.84 -21.86 2.11
N SER A 335 -7.02 -22.43 1.86
CA SER A 335 -7.43 -22.62 0.48
C SER A 335 -7.61 -21.28 -0.21
N VAL A 336 -8.26 -20.35 0.46
CA VAL A 336 -8.50 -19.02 -0.11
C VAL A 336 -7.19 -18.25 -0.30
N ALA A 337 -6.37 -18.23 0.74
CA ALA A 337 -5.10 -17.50 0.60
C ALA A 337 -4.26 -18.05 -0.52
N GLY A 338 -4.45 -19.36 -0.75
CA GLY A 338 -3.69 -20.08 -1.74
C GLY A 338 -4.08 -19.71 -3.15
N PHE A 339 -5.39 -19.65 -3.35
CA PHE A 339 -5.90 -19.32 -4.66
C PHE A 339 -5.61 -17.85 -5.03
N LEU A 340 -5.75 -16.98 -4.06
CA LEU A 340 -5.53 -15.58 -4.31
C LEU A 340 -4.11 -15.16 -4.02
N ASN A 341 -3.27 -16.12 -3.71
CA ASN A 341 -1.89 -15.74 -3.41
C ASN A 341 -1.85 -14.58 -2.40
N LEU A 342 -2.66 -14.67 -1.32
CA LEU A 342 -2.66 -13.65 -0.28
C LEU A 342 -1.57 -13.98 0.74
N THR A 343 -0.51 -13.23 0.55
CA THR A 343 0.69 -13.36 1.34
C THR A 343 0.57 -12.82 2.74
N GLY A 344 0.97 -13.74 3.64
CA GLY A 344 0.99 -13.52 5.08
C GLY A 344 -0.36 -13.80 5.69
N LYS A 345 -1.25 -14.38 4.88
CA LYS A 345 -2.57 -14.72 5.34
C LYS A 345 -2.87 -16.21 5.20
N GLY A 346 -3.88 -16.66 5.93
CA GLY A 346 -4.35 -18.02 5.82
C GLY A 346 -3.65 -19.05 6.68
N GLU A 347 -2.46 -18.72 7.20
CA GLU A 347 -1.77 -19.69 8.01
C GLU A 347 -1.05 -19.04 9.13
N ILE A 348 -0.89 -19.85 10.16
CA ILE A 348 -0.18 -19.41 11.33
C ILE A 348 1.24 -19.93 11.31
N LEU A 349 2.10 -19.01 10.91
CA LEU A 349 3.53 -19.18 10.74
C LEU A 349 4.19 -17.87 11.08
N PRO A 350 5.47 -17.96 11.41
CA PRO A 350 6.22 -16.77 11.77
C PRO A 350 6.44 -15.98 10.50
N GLY A 351 6.30 -14.65 10.58
CA GLY A 351 6.42 -13.82 9.40
C GLY A 351 5.04 -13.48 8.81
N ASN A 352 4.06 -14.38 9.03
CA ASN A 352 2.71 -14.14 8.56
C ASN A 352 2.08 -13.10 9.47
N ASP A 353 0.97 -12.58 8.99
CA ASP A 353 0.24 -11.59 9.73
C ASP A 353 -0.48 -12.18 10.93
N ALA A 354 -0.58 -11.39 12.01
CA ALA A 354 -1.28 -11.80 13.25
C ALA A 354 -2.79 -11.54 13.22
N ASP A 355 -3.40 -12.29 12.30
CA ASP A 355 -4.82 -12.34 12.06
C ASP A 355 -5.23 -13.65 12.67
N LEU A 356 -5.80 -13.57 13.88
CA LEU A 356 -6.15 -14.78 14.61
C LEU A 356 -7.49 -14.77 15.27
N LEU A 357 -7.99 -16.01 15.38
CA LEU A 357 -9.23 -16.28 16.04
C LEU A 357 -9.05 -17.12 17.31
N VAL A 358 -9.66 -16.66 18.38
CA VAL A 358 -9.59 -17.41 19.63
C VAL A 358 -11.00 -17.95 19.80
N MET A 359 -11.11 -19.27 19.82
CA MET A 359 -12.43 -19.85 19.99
C MET A 359 -12.52 -20.76 21.18
N THR A 360 -13.77 -20.97 21.60
CA THR A 360 -13.99 -21.92 22.65
C THR A 360 -13.95 -23.27 21.93
N PRO A 361 -13.94 -24.33 22.70
CA PRO A 361 -13.89 -25.69 22.18
C PRO A 361 -15.10 -26.10 21.37
N GLU A 362 -16.24 -25.44 21.62
CA GLU A 362 -17.43 -25.75 20.84
C GLU A 362 -17.57 -24.76 19.70
N LEU A 363 -16.40 -24.32 19.26
CA LEU A 363 -16.21 -23.43 18.15
C LEU A 363 -16.96 -22.11 18.19
N ARG A 364 -16.91 -21.44 19.29
CA ARG A 364 -17.54 -20.15 19.39
C ARG A 364 -16.43 -19.10 19.49
N ILE A 365 -16.58 -18.00 18.78
CA ILE A 365 -15.58 -16.95 18.77
C ILE A 365 -15.60 -16.08 20.01
N GLU A 366 -14.43 -15.97 20.63
CA GLU A 366 -14.29 -15.14 21.82
C GLU A 366 -13.52 -13.87 21.56
N GLN A 367 -12.37 -14.06 20.92
CA GLN A 367 -11.50 -12.97 20.52
C GLN A 367 -11.10 -13.09 19.05
N VAL A 368 -10.81 -11.92 18.50
CA VAL A 368 -10.32 -11.74 17.14
C VAL A 368 -9.23 -10.67 17.16
N TYR A 369 -8.11 -11.02 16.54
CA TYR A 369 -6.94 -10.18 16.37
C TYR A 369 -6.80 -9.92 14.89
N ALA A 370 -6.71 -8.66 14.51
CA ALA A 370 -6.54 -8.40 13.08
C ALA A 370 -5.25 -7.65 13.04
N ARG A 371 -4.26 -8.27 12.45
CA ARG A 371 -2.96 -7.65 12.40
C ARG A 371 -2.43 -7.31 13.79
N GLY A 372 -2.53 -8.29 14.67
CA GLY A 372 -2.03 -8.09 16.02
C GLY A 372 -2.92 -7.27 16.94
N LYS A 373 -3.96 -6.64 16.44
CA LYS A 373 -4.83 -5.81 17.25
C LYS A 373 -6.08 -6.53 17.68
N LEU A 374 -6.41 -6.36 18.97
CA LEU A 374 -7.61 -6.93 19.57
C LEU A 374 -8.85 -6.18 19.06
N MET A 375 -9.66 -6.92 18.26
CA MET A 375 -10.86 -6.40 17.61
C MET A 375 -12.19 -6.79 18.22
N VAL A 376 -12.13 -7.97 18.81
CA VAL A 376 -13.25 -8.62 19.40
C VAL A 376 -12.79 -9.28 20.65
N LYS A 377 -13.56 -9.02 21.66
CA LYS A 377 -13.31 -9.51 22.97
C LYS A 377 -14.57 -10.10 23.55
N ASP A 378 -14.48 -11.34 23.93
CA ASP A 378 -15.62 -12.00 24.48
C ASP A 378 -16.71 -12.09 23.46
N GLY A 379 -16.34 -12.35 22.19
CA GLY A 379 -17.33 -12.49 21.11
C GLY A 379 -17.98 -11.18 20.65
N LYS A 380 -17.49 -10.06 21.18
CA LYS A 380 -17.98 -8.74 20.86
C LYS A 380 -16.90 -7.77 20.47
N ALA A 381 -17.23 -6.97 19.48
CA ALA A 381 -16.32 -5.99 18.96
C ALA A 381 -15.97 -4.92 19.98
N CYS A 382 -14.67 -4.66 20.11
CA CYS A 382 -14.16 -3.62 20.99
C CYS A 382 -13.66 -2.46 20.14
N VAL A 383 -13.56 -2.78 18.87
CA VAL A 383 -13.19 -1.84 17.86
C VAL A 383 -14.31 -1.79 16.84
N LYS A 384 -14.83 -0.58 16.60
CA LYS A 384 -15.93 -0.35 15.68
C LYS A 384 -15.59 0.61 14.53
N GLY A 385 -16.34 0.51 13.42
CA GLY A 385 -16.11 1.39 12.29
C GLY A 385 -16.26 2.86 12.71
N THR A 386 -15.57 3.76 11.98
CA THR A 386 -15.61 5.19 12.29
C THR A 386 -17.01 5.72 12.61
N PHE A 387 -18.02 5.15 11.94
CA PHE A 387 -19.42 5.56 12.09
C PHE A 387 -20.38 4.51 12.60
N GLU A 388 -19.87 3.37 13.03
CA GLU A 388 -20.78 2.40 13.61
C GLU A 388 -21.27 2.98 14.95
N THR A 389 -22.52 2.67 15.32
CA THR A 389 -23.04 3.19 16.57
C THR A 389 -24.04 2.22 17.24
N MET B 1 15.90 -25.25 20.70
CA MET B 1 15.85 -23.78 20.72
C MET B 1 14.58 -23.26 20.02
N ILE B 2 14.15 -22.03 20.37
CA ILE B 2 12.97 -21.41 19.77
C ILE B 2 13.46 -20.35 18.76
N ASP B 3 12.88 -20.35 17.56
CA ASP B 3 13.24 -19.43 16.49
C ASP B 3 12.43 -18.11 16.46
N TYR B 4 13.14 -16.98 16.67
CA TYR B 4 12.61 -15.61 16.74
C TYR B 4 13.15 -14.66 15.70
N THR B 5 13.73 -15.24 14.65
CA THR B 5 14.36 -14.46 13.57
C THR B 5 13.42 -13.73 12.66
N ALA B 6 12.17 -14.13 12.68
CA ALA B 6 11.21 -13.48 11.83
C ALA B 6 11.08 -12.02 12.24
N ALA B 7 11.56 -11.75 13.45
CA ALA B 7 11.50 -10.42 14.03
C ALA B 7 12.57 -9.47 13.52
N GLY B 8 13.70 -10.02 13.05
CA GLY B 8 14.81 -9.18 12.59
C GLY B 8 15.25 -8.20 13.68
N PHE B 9 15.47 -8.72 14.86
CA PHE B 9 15.84 -7.84 15.91
C PHE B 9 17.18 -7.29 15.70
N THR B 10 17.28 -5.99 15.84
CA THR B 10 18.55 -5.36 15.66
C THR B 10 18.79 -4.25 16.65
N LEU B 11 19.95 -4.34 17.28
CA LEU B 11 20.32 -3.38 18.29
C LEU B 11 21.57 -2.66 17.89
N LEU B 12 21.34 -1.38 17.65
CA LEU B 12 22.38 -0.46 17.22
C LEU B 12 22.88 0.32 18.40
N GLN B 13 24.08 -0.02 18.80
CA GLN B 13 24.65 0.54 19.98
C GLN B 13 25.77 1.50 19.85
N GLY B 14 25.75 2.41 20.82
CA GLY B 14 26.80 3.37 21.06
C GLY B 14 26.97 4.56 20.16
N ALA B 15 26.12 4.75 19.18
CA ALA B 15 26.41 5.91 18.38
C ALA B 15 25.97 7.23 19.02
N HIS B 16 26.46 8.35 18.47
CA HIS B 16 26.04 9.69 18.86
C HIS B 16 24.84 10.00 17.94
N LEU B 17 23.67 10.03 18.60
CA LEU B 17 22.42 10.21 17.92
C LEU B 17 21.87 11.62 17.74
N TYR B 18 21.54 11.89 16.47
CA TYR B 18 20.89 13.09 15.97
C TYR B 18 19.59 12.61 15.40
N ALA B 19 18.53 12.91 16.09
CA ALA B 19 17.29 12.35 15.71
C ALA B 19 16.31 13.03 14.79
N PRO B 20 16.55 14.20 14.21
CA PRO B 20 17.77 15.00 14.20
C PRO B 20 18.24 15.64 15.48
N GLU B 21 17.39 15.78 16.46
CA GLU B 21 17.82 16.46 17.67
C GLU B 21 18.98 15.75 18.28
N ASP B 22 19.89 16.54 18.81
CA ASP B 22 21.05 15.97 19.43
C ASP B 22 20.62 15.17 20.64
N ARG B 23 20.87 13.86 20.68
CA ARG B 23 20.45 13.07 21.82
C ARG B 23 21.59 12.43 22.58
N GLY B 24 22.79 12.94 22.32
CA GLY B 24 24.00 12.40 22.90
C GLY B 24 24.17 10.92 22.55
N ILE B 25 24.89 10.17 23.39
CA ILE B 25 25.08 8.75 23.18
C ILE B 25 23.80 7.99 23.51
N CYS B 26 23.35 7.18 22.58
CA CYS B 26 22.06 6.58 22.81
C CYS B 26 21.84 5.36 21.93
N ASP B 27 21.19 4.31 22.41
CA ASP B 27 21.02 3.13 21.52
C ASP B 27 19.68 3.11 20.82
N VAL B 28 19.57 2.23 19.83
CA VAL B 28 18.33 2.11 19.08
C VAL B 28 18.01 0.68 18.82
N LEU B 29 16.77 0.32 19.11
CA LEU B 29 16.42 -1.06 18.89
C LEU B 29 15.40 -1.16 17.80
N VAL B 30 15.62 -2.12 16.93
CA VAL B 30 14.72 -2.32 15.82
C VAL B 30 14.16 -3.74 15.76
N ALA B 31 12.95 -3.77 15.33
CA ALA B 31 12.27 -5.01 15.10
C ALA B 31 11.31 -4.73 13.98
N ASN B 32 11.24 -5.71 13.09
CA ASN B 32 10.39 -5.67 11.91
C ASN B 32 10.47 -4.35 11.12
N GLY B 33 11.67 -3.81 10.92
CA GLY B 33 11.80 -2.58 10.15
C GLY B 33 11.38 -1.30 10.88
N LYS B 34 10.97 -1.44 12.14
CA LYS B 34 10.55 -0.30 12.89
C LYS B 34 11.41 -0.08 14.09
N ILE B 35 11.49 1.16 14.44
CA ILE B 35 12.20 1.56 15.59
C ILE B 35 11.28 1.24 16.76
N ILE B 36 11.72 0.39 17.69
CA ILE B 36 10.86 0.07 18.82
C ILE B 36 11.31 0.63 20.15
N ALA B 37 12.54 1.11 20.24
CA ALA B 37 13.06 1.68 21.45
C ALA B 37 14.27 2.51 21.14
N VAL B 38 14.33 3.66 21.82
CA VAL B 38 15.40 4.66 21.73
C VAL B 38 15.81 5.10 23.12
N ALA B 39 16.97 4.61 23.58
CA ALA B 39 17.49 4.93 24.91
C ALA B 39 18.96 4.59 25.09
N SER B 40 19.60 5.32 26.00
CA SER B 40 21.00 5.03 26.26
C SER B 40 21.07 3.65 26.93
N ASN B 41 22.04 2.88 26.56
CA ASN B 41 22.18 1.59 27.17
C ASN B 41 21.08 0.57 27.12
N ILE B 42 20.72 0.18 25.95
CA ILE B 42 19.76 -0.88 25.94
C ILE B 42 20.55 -2.18 26.08
N PRO B 43 19.98 -3.15 26.76
CA PRO B 43 20.57 -4.44 26.98
C PRO B 43 20.68 -5.29 25.73
N SER B 44 21.91 -5.68 25.44
CA SER B 44 22.18 -6.48 24.26
C SER B 44 21.44 -7.79 24.20
N ASP B 45 20.74 -8.12 25.27
CA ASP B 45 20.01 -9.40 25.35
C ASP B 45 18.53 -9.23 25.69
N ILE B 46 18.09 -7.98 25.63
CA ILE B 46 16.72 -7.61 25.92
C ILE B 46 15.72 -8.45 25.13
N VAL B 47 16.16 -8.89 23.94
CA VAL B 47 15.37 -9.73 23.05
C VAL B 47 16.28 -10.75 22.41
N PRO B 48 15.67 -11.88 22.06
CA PRO B 48 16.31 -13.03 21.43
C PRO B 48 16.82 -12.76 20.02
N ASN B 49 17.76 -13.62 19.58
CA ASN B 49 18.35 -13.56 18.26
C ASN B 49 18.55 -12.14 17.78
N CYS B 50 19.23 -11.37 18.62
CA CYS B 50 19.48 -9.98 18.31
C CYS B 50 20.80 -9.80 17.65
N THR B 51 20.78 -8.94 16.65
CA THR B 51 21.98 -8.60 15.97
C THR B 51 22.39 -7.26 16.55
N VAL B 52 23.57 -7.26 17.14
CA VAL B 52 24.05 -6.06 17.82
C VAL B 52 25.09 -5.40 16.97
N VAL B 53 24.97 -4.10 16.78
CA VAL B 53 25.93 -3.40 15.96
C VAL B 53 26.63 -2.33 16.77
N ASP B 54 27.94 -2.45 16.78
CA ASP B 54 28.72 -1.53 17.55
C ASP B 54 28.99 -0.31 16.76
N LEU B 55 28.28 0.71 17.14
CA LEU B 55 28.44 1.94 16.43
C LEU B 55 29.20 2.90 17.25
N SER B 56 29.88 2.37 18.22
CA SER B 56 30.60 3.28 19.06
C SER B 56 31.54 4.10 18.22
N GLY B 57 31.57 5.38 18.53
CA GLY B 57 32.44 6.28 17.82
C GLY B 57 31.81 6.85 16.54
N GLN B 58 30.66 6.33 16.10
CA GLN B 58 29.97 6.82 14.90
C GLN B 58 28.87 7.79 15.26
N ILE B 59 28.15 8.19 14.24
CA ILE B 59 27.03 9.12 14.33
C ILE B 59 25.86 8.44 13.65
N LEU B 60 24.68 8.58 14.27
CA LEU B 60 23.48 7.96 13.75
C LEU B 60 22.41 9.01 13.51
N CYS B 61 21.80 8.95 12.34
CA CYS B 61 20.79 9.93 11.96
C CYS B 61 19.72 9.36 10.99
N PRO B 62 18.67 10.16 10.79
CA PRO B 62 17.57 9.71 9.93
C PRO B 62 18.00 9.60 8.48
N GLY B 63 17.42 8.68 7.69
CA GLY B 63 17.79 8.64 6.25
C GLY B 63 17.29 9.93 5.53
N PHE B 64 17.94 10.33 4.46
CA PHE B 64 17.48 11.50 3.74
C PHE B 64 16.23 11.19 2.95
N ILE B 65 15.44 12.24 2.81
CA ILE B 65 14.21 12.21 2.00
C ILE B 65 14.39 13.21 0.83
N ASP B 66 14.46 12.71 -0.43
CA ASP B 66 14.66 13.55 -1.64
C ASP B 66 13.36 13.59 -2.40
N GLN B 67 12.72 14.73 -2.30
CA GLN B 67 11.43 14.97 -2.92
C GLN B 67 11.46 15.40 -4.37
N HIS B 68 12.63 15.47 -5.00
CA HIS B 68 12.67 15.88 -6.39
C HIS B 68 13.61 15.00 -7.20
N VAL B 69 13.15 13.82 -7.63
CA VAL B 69 14.05 12.94 -8.38
C VAL B 69 13.44 12.41 -9.67
N HIS B 70 14.15 12.43 -10.78
CA HIS B 70 13.57 11.95 -12.03
C HIS B 70 13.77 10.48 -12.14
N LEU B 71 13.03 9.77 -11.34
CA LEU B 71 13.17 8.33 -11.29
C LEU B 71 13.28 7.54 -12.61
N ILE B 72 12.49 7.90 -13.63
CA ILE B 72 12.49 7.12 -14.86
C ILE B 72 13.39 7.69 -15.90
N GLY B 73 14.02 8.79 -15.54
CA GLY B 73 14.88 9.48 -16.46
C GLY B 73 14.17 10.79 -16.77
N GLY B 74 14.90 11.73 -17.37
CA GLY B 74 14.42 13.06 -17.71
C GLY B 74 15.14 13.51 -18.96
N GLY B 75 15.50 14.79 -18.94
CA GLY B 75 16.21 15.41 -20.03
C GLY B 75 15.33 15.43 -21.28
N GLY B 76 16.03 15.44 -22.42
CA GLY B 76 15.45 15.45 -23.76
C GLY B 76 15.35 16.83 -24.40
N GLU B 77 15.83 17.87 -23.69
CA GLU B 77 15.79 19.27 -24.20
C GLU B 77 16.63 19.50 -25.47
N ALA B 78 17.47 18.55 -25.82
CA ALA B 78 18.29 18.71 -27.00
C ALA B 78 18.12 17.46 -27.86
N GLY B 79 16.88 16.99 -27.92
CA GLY B 79 16.61 15.80 -28.70
C GLY B 79 16.74 14.56 -27.87
N PRO B 80 16.33 13.46 -28.50
CA PRO B 80 16.26 12.11 -27.99
C PRO B 80 17.51 11.54 -27.38
N THR B 81 18.67 11.94 -27.88
CA THR B 81 19.87 11.39 -27.28
C THR B 81 20.08 11.99 -25.87
N THR B 82 19.43 13.09 -25.53
CA THR B 82 19.63 13.66 -24.22
C THR B 82 18.59 13.20 -23.22
N ARG B 83 17.92 12.10 -23.51
CA ARG B 83 16.99 11.55 -22.52
C ARG B 83 17.83 10.79 -21.52
N THR B 84 17.83 11.24 -20.26
CA THR B 84 18.62 10.63 -19.22
C THR B 84 18.10 9.27 -18.76
N PRO B 85 18.96 8.45 -18.19
CA PRO B 85 18.60 7.11 -17.75
C PRO B 85 17.85 7.05 -16.41
N GLU B 86 17.22 5.89 -16.16
CA GLU B 86 16.46 5.74 -14.92
C GLU B 86 17.41 5.67 -13.75
N VAL B 87 16.88 5.92 -12.57
CA VAL B 87 17.70 5.88 -11.36
C VAL B 87 17.92 4.43 -10.87
N ALA B 88 19.14 4.12 -10.43
CA ALA B 88 19.49 2.81 -9.88
C ALA B 88 19.42 2.93 -8.36
N LEU B 89 18.97 1.85 -7.73
CA LEU B 89 18.81 1.80 -6.29
C LEU B 89 20.03 2.25 -5.52
N SER B 90 21.13 1.56 -5.86
CA SER B 90 22.42 1.75 -5.22
C SER B 90 22.88 3.21 -5.24
N ARG B 91 22.49 3.94 -6.26
CA ARG B 91 22.91 5.33 -6.33
C ARG B 91 22.22 6.20 -5.28
N LEU B 92 20.99 5.79 -4.93
CA LEU B 92 20.22 6.51 -3.94
C LEU B 92 20.74 6.18 -2.55
N THR B 93 20.76 4.88 -2.28
CA THR B 93 21.16 4.40 -0.96
C THR B 93 22.52 4.92 -0.64
N GLU B 94 23.39 4.77 -1.61
CA GLU B 94 24.74 5.26 -1.41
C GLU B 94 24.82 6.76 -1.15
N ALA B 95 23.79 7.50 -1.51
CA ALA B 95 23.83 8.94 -1.29
C ALA B 95 23.14 9.30 0.00
N GLY B 96 22.71 8.26 0.70
CA GLY B 96 22.07 8.51 1.97
C GLY B 96 20.56 8.65 1.86
N VAL B 97 20.04 8.46 0.64
CA VAL B 97 18.62 8.58 0.38
C VAL B 97 17.84 7.29 0.64
N THR B 98 16.86 7.37 1.58
CA THR B 98 16.00 6.23 1.93
C THR B 98 14.55 6.44 1.51
N SER B 99 14.17 7.71 1.26
CA SER B 99 12.81 8.01 0.82
C SER B 99 12.92 8.94 -0.35
N VAL B 100 12.08 8.72 -1.34
CA VAL B 100 12.18 9.60 -2.48
C VAL B 100 10.83 9.89 -3.13
N VAL B 101 10.74 11.06 -3.77
CA VAL B 101 9.55 11.51 -4.49
C VAL B 101 9.97 11.70 -5.92
N GLY B 102 9.29 10.94 -6.75
CA GLY B 102 9.55 10.95 -8.18
C GLY B 102 8.65 11.91 -8.97
N LEU B 103 9.21 12.44 -10.10
CA LEU B 103 8.49 13.39 -10.94
C LEU B 103 8.98 13.46 -12.40
N LEU B 104 8.18 14.14 -13.25
CA LEU B 104 8.52 14.35 -14.63
C LEU B 104 8.91 15.81 -14.79
N GLY B 105 9.61 16.10 -15.88
CA GLY B 105 10.07 17.45 -16.11
C GLY B 105 9.57 17.92 -17.44
N THR B 106 10.49 18.43 -18.23
CA THR B 106 10.17 18.96 -19.53
C THR B 106 9.41 18.01 -20.45
N ASP B 107 9.88 16.79 -20.56
CA ASP B 107 9.26 15.86 -21.48
C ASP B 107 8.17 15.02 -20.84
N SER B 108 6.97 15.17 -21.39
CA SER B 108 5.81 14.38 -20.97
C SER B 108 5.15 13.75 -22.21
N ILE B 109 5.97 13.58 -23.27
CA ILE B 109 5.60 12.96 -24.52
C ILE B 109 6.18 11.54 -24.61
N SER B 110 7.48 11.47 -24.28
CA SER B 110 8.15 10.19 -24.32
C SER B 110 8.24 9.66 -22.91
N ARG B 111 7.74 10.47 -21.95
CA ARG B 111 7.73 10.15 -20.50
C ARG B 111 6.28 10.11 -20.05
N HIS B 112 5.92 9.06 -19.30
CA HIS B 112 4.55 8.83 -18.84
C HIS B 112 4.36 8.54 -17.36
N PRO B 113 3.29 9.09 -16.72
CA PRO B 113 3.08 8.83 -15.29
C PRO B 113 2.92 7.35 -14.99
N GLU B 114 2.40 6.57 -15.94
CA GLU B 114 2.29 5.13 -15.71
C GLU B 114 3.64 4.48 -15.56
N SER B 115 4.60 4.94 -16.33
CA SER B 115 5.94 4.35 -16.23
C SER B 115 6.55 4.82 -14.91
N LEU B 116 6.33 6.11 -14.57
CA LEU B 116 6.88 6.64 -13.35
C LEU B 116 6.30 5.89 -12.18
N LEU B 117 5.04 5.54 -12.30
CA LEU B 117 4.43 4.83 -11.18
C LEU B 117 4.99 3.41 -10.99
N ALA B 118 5.24 2.70 -12.10
CA ALA B 118 5.75 1.33 -12.03
C ALA B 118 7.13 1.33 -11.35
N LYS B 119 7.90 2.33 -11.69
CA LYS B 119 9.24 2.54 -11.11
C LYS B 119 9.20 2.78 -9.58
N THR B 120 8.29 3.64 -9.16
CA THR B 120 8.08 3.99 -7.76
C THR B 120 7.74 2.71 -7.07
N ARG B 121 6.90 1.93 -7.72
CA ARG B 121 6.58 0.68 -7.10
C ARG B 121 7.75 -0.26 -7.04
N ALA B 122 8.57 -0.28 -8.10
CA ALA B 122 9.73 -1.15 -8.14
C ALA B 122 10.62 -0.81 -6.95
N LEU B 123 10.85 0.48 -6.71
CA LEU B 123 11.74 0.87 -5.62
C LEU B 123 11.24 0.51 -4.23
N ASN B 124 9.94 0.63 -4.01
CA ASN B 124 9.38 0.26 -2.76
C ASN B 124 9.67 -1.21 -2.54
N GLU B 125 9.48 -2.05 -3.59
CA GLU B 125 9.75 -3.50 -3.48
C GLU B 125 11.22 -3.89 -3.26
N GLU B 126 12.08 -3.08 -3.83
CA GLU B 126 13.49 -3.30 -3.73
C GLU B 126 14.04 -2.88 -2.37
N GLY B 127 13.26 -2.14 -1.56
CA GLY B 127 13.77 -1.81 -0.25
C GLY B 127 13.63 -0.39 0.26
N ILE B 128 13.43 0.58 -0.61
CA ILE B 128 13.28 1.91 -0.06
C ILE B 128 11.83 2.36 -0.11
N SER B 129 11.62 3.65 0.07
CA SER B 129 10.28 4.21 0.09
C SER B 129 10.21 5.29 -0.96
N ALA B 130 9.21 5.10 -1.82
CA ALA B 130 8.95 5.97 -2.97
C ALA B 130 7.48 6.35 -3.17
N TRP B 131 7.33 7.60 -3.57
CA TRP B 131 6.08 8.27 -3.91
C TRP B 131 6.32 9.04 -5.22
N MET B 132 5.26 9.62 -5.77
CA MET B 132 5.39 10.40 -7.00
C MET B 132 4.40 11.52 -7.05
N LEU B 133 4.73 12.44 -7.92
CA LEU B 133 3.86 13.54 -8.19
C LEU B 133 3.27 13.26 -9.57
N THR B 134 2.01 13.60 -9.78
CA THR B 134 1.40 13.43 -11.11
C THR B 134 1.67 14.70 -11.97
N GLY B 135 1.37 14.70 -13.27
CA GLY B 135 1.66 15.90 -14.08
C GLY B 135 3.12 15.96 -14.57
N ALA B 136 3.55 17.16 -15.00
CA ALA B 136 4.89 17.42 -15.53
C ALA B 136 4.98 18.93 -15.73
N TYR B 137 5.85 19.39 -16.59
CA TYR B 137 5.86 20.83 -16.76
C TYR B 137 4.54 21.33 -17.35
N HIS B 138 4.07 20.52 -18.32
CA HIS B 138 2.86 20.77 -19.09
C HIS B 138 1.64 21.01 -18.26
N VAL B 139 1.02 22.12 -18.59
CA VAL B 139 -0.22 22.45 -17.96
C VAL B 139 -1.12 22.79 -19.11
N PRO B 140 -2.31 22.17 -19.16
CA PRO B 140 -2.83 21.21 -18.20
C PRO B 140 -2.04 19.94 -18.08
N SER B 141 -2.18 19.37 -16.91
CA SER B 141 -1.46 18.19 -16.62
C SER B 141 -1.92 16.96 -17.38
N ARG B 142 -0.94 16.14 -17.69
CA ARG B 142 -1.20 14.87 -18.31
C ARG B 142 -1.22 13.90 -17.12
N THR B 143 -2.34 13.17 -16.94
CA THR B 143 -2.51 12.31 -15.78
C THR B 143 -2.75 10.84 -16.13
N ILE B 144 -2.90 10.04 -15.09
CA ILE B 144 -3.14 8.64 -15.29
C ILE B 144 -4.60 8.32 -15.55
N THR B 145 -5.47 8.97 -14.73
CA THR B 145 -6.92 8.77 -14.72
C THR B 145 -7.68 9.78 -15.51
N GLY B 146 -7.01 10.83 -15.90
CA GLY B 146 -7.69 11.87 -16.62
C GLY B 146 -8.04 13.06 -15.73
N SER B 147 -7.72 12.94 -14.45
CA SER B 147 -7.99 14.07 -13.60
C SER B 147 -6.95 14.17 -12.50
N VAL B 148 -6.49 15.40 -12.30
CA VAL B 148 -5.50 15.60 -11.27
C VAL B 148 -6.09 15.14 -9.96
N GLU B 149 -7.27 15.68 -9.73
CA GLU B 149 -7.98 15.39 -8.53
C GLU B 149 -8.15 13.88 -8.33
N LYS B 150 -8.50 13.16 -9.39
CA LYS B 150 -8.68 11.72 -9.26
C LYS B 150 -7.36 11.00 -9.05
N ASP B 151 -6.33 11.45 -9.80
CA ASP B 151 -5.04 10.83 -9.67
C ASP B 151 -4.60 10.86 -8.21
N VAL B 152 -4.64 12.05 -7.64
CA VAL B 152 -4.26 12.22 -6.22
C VAL B 152 -5.19 11.44 -5.25
N ALA B 153 -6.49 11.44 -5.48
CA ALA B 153 -7.33 10.76 -4.55
C ALA B 153 -7.21 9.26 -4.71
N ILE B 154 -7.10 8.75 -5.94
CA ILE B 154 -7.09 7.31 -6.02
C ILE B 154 -5.84 6.53 -6.35
N ILE B 155 -4.78 7.16 -6.82
CA ILE B 155 -3.61 6.34 -7.06
C ILE B 155 -2.80 6.42 -5.77
N ASP B 156 -2.69 5.29 -5.10
CA ASP B 156 -1.99 5.27 -3.84
C ASP B 156 -0.66 6.03 -3.73
N ARG B 157 0.25 5.88 -4.71
CA ARG B 157 1.55 6.54 -4.59
C ARG B 157 1.59 8.00 -4.98
N VAL B 158 0.52 8.51 -5.56
CA VAL B 158 0.49 9.91 -5.99
C VAL B 158 0.17 10.78 -4.82
N ILE B 159 0.97 11.80 -4.61
CA ILE B 159 0.75 12.65 -3.46
C ILE B 159 0.55 14.14 -3.76
N GLY B 160 0.58 14.53 -5.02
CA GLY B 160 0.46 15.94 -5.39
C GLY B 160 0.70 16.01 -6.88
N VAL B 161 0.95 17.22 -7.35
CA VAL B 161 1.14 17.45 -8.78
C VAL B 161 2.30 18.39 -9.00
N CYS B 163 4.26 21.10 -11.92
CA CYS B 163 3.96 22.00 -13.03
C CYS B 163 5.14 22.93 -13.23
N ALA B 164 5.16 23.65 -14.34
CA ALA B 164 6.29 24.55 -14.53
C ALA B 164 5.80 25.95 -14.77
N ILE B 165 6.43 26.95 -14.16
CA ILE B 165 5.99 28.34 -14.39
C ILE B 165 7.22 29.21 -14.56
N SER B 166 7.09 30.46 -15.00
CA SER B 166 8.24 31.35 -15.16
C SER B 166 9.45 30.74 -15.89
N ASP B 167 9.15 29.97 -16.94
CA ASP B 167 10.18 29.31 -17.70
C ASP B 167 9.79 29.18 -19.18
N HIS B 168 10.80 29.32 -20.02
CA HIS B 168 10.62 29.27 -21.47
C HIS B 168 10.22 27.88 -21.98
N ARG B 169 10.02 26.95 -21.07
CA ARG B 169 9.59 25.62 -21.51
C ARG B 169 8.24 25.33 -20.88
N SER B 170 7.64 26.35 -20.28
CA SER B 170 6.32 26.18 -19.69
C SER B 170 5.29 26.00 -20.84
N ALA B 171 4.02 25.72 -20.52
CA ALA B 171 2.96 25.55 -21.51
C ALA B 171 2.15 26.85 -21.58
N ALA B 172 2.74 27.94 -21.09
CA ALA B 172 2.11 29.26 -21.05
C ALA B 172 0.76 29.22 -20.36
N PRO B 173 0.71 28.70 -19.14
CA PRO B 173 -0.57 28.63 -18.46
C PRO B 173 -0.95 29.94 -17.82
N ASP B 174 -2.26 30.07 -17.67
CA ASP B 174 -2.95 31.21 -17.07
C ASP B 174 -3.40 30.84 -15.66
N VAL B 175 -3.73 31.88 -14.91
CA VAL B 175 -4.07 31.64 -13.55
C VAL B 175 -5.23 30.67 -13.41
N TYR B 176 -6.21 30.74 -14.30
CA TYR B 176 -7.28 29.78 -14.08
C TYR B 176 -6.81 28.33 -14.10
N HIS B 177 -5.98 28.01 -15.07
CA HIS B 177 -5.48 26.67 -15.23
C HIS B 177 -4.62 26.26 -14.11
N LEU B 178 -3.84 27.19 -13.63
CA LEU B 178 -3.02 26.89 -12.46
C LEU B 178 -3.90 26.70 -11.20
N ALA B 179 -4.82 27.65 -10.95
CA ALA B 179 -5.68 27.59 -9.78
C ALA B 179 -6.52 26.32 -9.80
N ASN B 180 -7.15 26.05 -10.91
CA ASN B 180 -7.93 24.85 -10.93
C ASN B 180 -7.08 23.61 -10.55
N MET B 181 -5.90 23.52 -11.13
CA MET B 181 -4.98 22.41 -10.89
C MET B 181 -4.58 22.25 -9.43
N ALA B 182 -4.18 23.35 -8.82
CA ALA B 182 -3.79 23.32 -7.43
C ALA B 182 -4.99 22.93 -6.53
N ALA B 183 -6.18 23.44 -6.90
CA ALA B 183 -7.37 23.16 -6.14
C ALA B 183 -7.71 21.65 -6.25
N GLU B 184 -7.46 21.07 -7.42
CA GLU B 184 -7.75 19.65 -7.60
C GLU B 184 -6.83 18.76 -6.79
N SER B 185 -5.58 19.17 -6.72
CA SER B 185 -4.57 18.43 -5.95
C SER B 185 -4.93 18.54 -4.47
N ARG B 186 -5.24 19.76 -4.03
CA ARG B 186 -5.63 19.96 -2.64
C ARG B 186 -6.80 19.03 -2.23
N VAL B 187 -7.89 19.08 -2.98
CA VAL B 187 -9.04 18.25 -2.74
C VAL B 187 -8.75 16.73 -2.88
N GLY B 188 -8.06 16.29 -3.95
CA GLY B 188 -7.74 14.88 -4.09
C GLY B 188 -6.95 14.38 -2.86
N GLY B 189 -6.12 15.27 -2.37
CA GLY B 189 -5.28 15.04 -1.22
C GLY B 189 -6.10 14.74 0.01
N LEU B 190 -7.11 15.59 0.27
CA LEU B 190 -7.95 15.34 1.42
C LEU B 190 -8.65 14.02 1.23
N LEU B 191 -9.09 13.74 0.05
CA LEU B 191 -9.82 12.51 -0.13
C LEU B 191 -8.95 11.28 -0.01
N GLY B 192 -7.75 11.37 -0.54
CA GLY B 192 -6.95 10.15 -0.50
C GLY B 192 -5.98 10.06 0.68
N GLY B 193 -5.92 11.10 1.52
CA GLY B 193 -5.00 11.07 2.62
C GLY B 193 -3.61 11.50 2.16
N LYS B 194 -3.54 12.42 1.22
CA LYS B 194 -2.23 12.83 0.74
C LYS B 194 -2.05 14.28 1.12
N PRO B 195 -0.84 14.75 1.07
CA PRO B 195 -0.60 16.15 1.37
C PRO B 195 -1.29 17.03 0.33
N GLY B 196 -1.41 16.54 -0.92
CA GLY B 196 -2.07 17.27 -2.02
C GLY B 196 -1.40 18.60 -2.39
N VAL B 197 -0.10 18.50 -2.59
CA VAL B 197 0.66 19.67 -2.90
C VAL B 197 0.81 19.89 -4.39
N THR B 198 1.15 21.14 -4.68
CA THR B 198 1.42 21.58 -6.03
C THR B 198 2.87 22.00 -6.04
N VAL B 199 3.63 21.33 -6.87
CA VAL B 199 5.06 21.65 -6.95
C VAL B 199 5.32 22.46 -8.20
N PHE B 200 5.90 23.67 -8.02
CA PHE B 200 6.19 24.53 -9.15
C PHE B 200 7.62 24.62 -9.59
N HIS B 201 7.98 24.03 -10.69
CA HIS B 201 9.33 24.25 -11.11
C HIS B 201 9.39 25.73 -11.50
N MET B 202 10.39 26.44 -11.02
CA MET B 202 10.56 27.83 -11.36
C MET B 202 11.70 27.91 -12.34
N GLY B 203 11.54 28.79 -13.30
CA GLY B 203 12.56 29.02 -14.31
C GLY B 203 13.16 30.42 -14.08
N ASP B 204 13.86 30.97 -15.06
CA ASP B 204 14.48 32.28 -14.90
C ASP B 204 13.69 33.52 -15.34
N SER B 205 12.43 33.32 -15.64
CA SER B 205 11.58 34.41 -16.06
C SER B 205 11.56 35.57 -15.08
N LYS B 206 11.47 36.80 -15.58
CA LYS B 206 11.44 37.96 -14.68
C LYS B 206 10.23 37.97 -13.81
N LYS B 207 9.24 37.24 -14.26
CA LYS B 207 7.99 37.14 -13.52
C LYS B 207 8.20 36.42 -12.15
N ALA B 208 9.26 35.64 -12.07
CA ALA B 208 9.58 34.95 -10.85
C ALA B 208 8.35 34.31 -10.23
N LEU B 209 8.03 34.74 -9.00
CA LEU B 209 6.93 34.21 -8.20
C LEU B 209 5.56 34.81 -8.45
N GLN B 210 5.47 35.85 -9.29
CA GLN B 210 4.17 36.47 -9.56
C GLN B 210 2.98 35.50 -9.71
N PRO B 211 3.11 34.48 -10.57
CA PRO B 211 2.03 33.52 -10.82
C PRO B 211 1.46 32.87 -9.58
N ILE B 212 2.31 32.71 -8.59
CA ILE B 212 1.87 32.12 -7.36
C ILE B 212 0.97 33.07 -6.63
N TYR B 213 1.46 34.30 -6.51
CA TYR B 213 0.69 35.35 -5.88
C TYR B 213 -0.63 35.50 -6.59
N ASP B 214 -0.58 35.58 -7.94
CA ASP B 214 -1.82 35.68 -8.70
C ASP B 214 -2.76 34.55 -8.35
N LEU B 215 -2.21 33.35 -8.29
CA LEU B 215 -3.01 32.19 -7.97
C LEU B 215 -3.63 32.31 -6.58
N LEU B 216 -2.87 32.83 -5.64
CA LEU B 216 -3.41 32.97 -4.31
C LEU B 216 -4.62 33.89 -4.26
N GLU B 217 -4.70 34.88 -5.15
CA GLU B 217 -5.87 35.72 -5.10
C GLU B 217 -7.05 35.17 -5.89
N ASN B 218 -6.83 34.07 -6.59
CA ASN B 218 -7.86 33.49 -7.44
C ASN B 218 -8.36 32.17 -6.98
N CYS B 219 -8.02 31.89 -5.75
CA CYS B 219 -8.47 30.67 -5.16
C CYS B 219 -8.19 30.64 -3.68
N ASP B 220 -8.63 29.57 -3.06
CA ASP B 220 -8.48 29.47 -1.63
C ASP B 220 -7.60 28.34 -1.16
N VAL B 221 -6.68 27.89 -2.04
CA VAL B 221 -5.74 26.83 -1.64
C VAL B 221 -4.75 27.41 -0.60
N PRO B 222 -4.52 26.70 0.52
CA PRO B 222 -3.60 27.19 1.53
C PRO B 222 -2.17 27.30 1.01
N ILE B 223 -1.48 28.39 1.38
CA ILE B 223 -0.11 28.62 0.95
C ILE B 223 0.83 27.46 1.23
N SER B 224 0.49 26.75 2.27
CA SER B 224 1.23 25.60 2.71
C SER B 224 1.14 24.40 1.76
N LYS B 225 0.41 24.52 0.65
CA LYS B 225 0.35 23.38 -0.28
C LYS B 225 1.18 23.69 -1.53
N LEU B 226 1.65 24.93 -1.59
CA LEU B 226 2.37 25.45 -2.75
C LEU B 226 3.85 25.51 -2.55
N LEU B 227 4.55 24.64 -3.31
CA LEU B 227 6.00 24.53 -3.22
C LEU B 227 6.79 24.99 -4.42
N PRO B 228 7.40 26.17 -4.29
CA PRO B 228 8.25 26.61 -5.37
C PRO B 228 9.60 25.88 -5.21
N THR B 229 10.19 25.36 -6.29
CA THR B 229 11.47 24.65 -6.22
C THR B 229 12.53 25.29 -7.13
N HIS B 230 13.78 24.97 -6.91
CA HIS B 230 14.88 25.57 -7.64
C HIS B 230 14.91 27.07 -7.35
N VAL B 231 14.46 27.52 -6.18
CA VAL B 231 14.45 28.97 -5.91
C VAL B 231 15.81 29.70 -5.92
N ASN B 232 16.87 28.92 -5.83
CA ASN B 232 18.22 29.48 -5.79
C ASN B 232 18.83 29.73 -7.16
N ARG B 233 18.09 29.43 -8.22
CA ARG B 233 18.59 29.53 -9.57
C ARG B 233 18.92 30.94 -10.02
N ASN B 234 18.29 31.90 -9.39
CA ASN B 234 18.63 33.26 -9.72
C ASN B 234 18.37 34.09 -8.51
N VAL B 235 18.99 35.24 -8.47
CA VAL B 235 18.92 36.04 -7.26
C VAL B 235 17.60 36.65 -6.85
N PRO B 236 17.06 37.40 -7.79
CA PRO B 236 15.79 38.09 -7.58
C PRO B 236 14.72 37.07 -7.25
N LEU B 237 14.75 35.90 -7.91
CA LEU B 237 13.83 34.83 -7.58
C LEU B 237 14.08 34.43 -6.12
N PHE B 238 15.33 34.13 -5.83
CA PHE B 238 15.67 33.73 -4.50
C PHE B 238 15.19 34.73 -3.47
N GLU B 239 15.42 35.99 -3.71
CA GLU B 239 14.97 36.96 -2.75
C GLU B 239 13.47 36.98 -2.61
N GLN B 240 12.79 36.77 -3.71
CA GLN B 240 11.34 36.76 -3.67
C GLN B 240 10.92 35.54 -2.85
N ALA B 241 11.69 34.45 -3.02
CA ALA B 241 11.41 33.20 -2.30
C ALA B 241 11.44 33.41 -0.77
N LEU B 242 12.35 34.28 -0.32
CA LEU B 242 12.39 34.54 1.12
C LEU B 242 11.10 35.20 1.62
N GLU B 243 10.61 36.16 0.82
CA GLU B 243 9.37 36.78 1.26
C GLU B 243 8.24 35.78 1.30
N PHE B 244 8.12 34.96 0.27
CA PHE B 244 7.09 33.94 0.25
C PHE B 244 7.20 33.03 1.49
N ALA B 245 8.44 32.62 1.85
CA ALA B 245 8.56 31.74 2.99
C ALA B 245 8.17 32.55 4.18
N ARG B 246 8.59 33.79 4.16
CA ARG B 246 8.26 34.64 5.26
C ARG B 246 6.76 34.72 5.50
N LYS B 247 5.96 34.67 4.44
CA LYS B 247 4.49 34.76 4.54
C LYS B 247 3.86 33.42 4.92
N GLY B 248 4.66 32.39 5.17
CA GLY B 248 4.06 31.13 5.53
C GLY B 248 4.40 30.04 4.53
N GLY B 249 5.03 30.41 3.44
CA GLY B 249 5.33 29.38 2.48
C GLY B 249 6.58 28.61 2.81
N THR B 250 6.60 27.41 2.23
CA THR B 250 7.75 26.53 2.33
C THR B 250 8.47 26.65 0.99
N ILE B 251 9.78 26.56 1.03
CA ILE B 251 10.60 26.66 -0.18
C ILE B 251 11.62 25.54 -0.31
N ASP B 252 11.74 25.03 -1.53
CA ASP B 252 12.65 23.97 -1.85
C ASP B 252 13.84 24.48 -2.62
N ILE B 253 15.01 24.28 -2.03
CA ILE B 253 16.28 24.67 -2.60
C ILE B 253 16.90 23.45 -3.28
N THR B 254 17.45 23.65 -4.51
CA THR B 254 18.08 22.57 -5.29
C THR B 254 19.57 22.44 -5.02
N SER B 255 19.96 21.28 -4.55
CA SER B 255 21.36 21.06 -4.21
C SER B 255 22.30 20.99 -5.39
N SER B 256 21.74 20.78 -6.59
CA SER B 256 22.46 20.63 -7.85
C SER B 256 22.83 21.92 -8.58
N ILE B 257 22.46 23.07 -8.01
CA ILE B 257 22.77 24.38 -8.54
C ILE B 257 23.84 24.99 -7.62
N ASP B 258 25.00 25.40 -8.14
CA ASP B 258 26.01 26.01 -7.26
C ASP B 258 26.11 27.51 -7.46
N GLU B 259 25.39 28.01 -8.47
CA GLU B 259 25.34 29.42 -8.80
C GLU B 259 23.93 29.76 -9.24
N PRO B 260 23.45 31.00 -8.99
CA PRO B 260 24.20 32.07 -8.31
C PRO B 260 24.10 31.98 -6.78
N VAL B 261 23.23 31.11 -6.29
CA VAL B 261 23.03 30.93 -4.85
C VAL B 261 23.33 29.49 -4.47
N ALA B 262 24.45 29.25 -3.79
CA ALA B 262 24.79 27.88 -3.43
C ALA B 262 23.78 27.35 -2.44
N PRO B 263 23.48 26.04 -2.51
CA PRO B 263 22.53 25.43 -1.58
C PRO B 263 22.76 25.80 -0.10
N ALA B 264 23.97 25.48 0.46
CA ALA B 264 24.22 25.81 1.86
C ALA B 264 24.00 27.28 2.13
N GLU B 265 24.44 28.10 1.19
CA GLU B 265 24.29 29.55 1.35
C GLU B 265 22.83 29.96 1.41
N GLY B 266 22.02 29.30 0.58
CA GLY B 266 20.61 29.64 0.55
C GLY B 266 19.93 29.33 1.88
N ILE B 267 20.26 28.16 2.39
CA ILE B 267 19.70 27.73 3.64
C ILE B 267 20.07 28.70 4.76
N ALA B 268 21.33 29.04 4.85
CA ALA B 268 21.77 29.96 5.89
C ALA B 268 21.12 31.30 5.74
N ARG B 269 20.95 31.71 4.50
CA ARG B 269 20.35 33.01 4.31
C ARG B 269 18.92 33.00 4.72
N ALA B 270 18.28 31.84 4.50
CA ALA B 270 16.86 31.74 4.86
C ALA B 270 16.67 31.93 6.35
N VAL B 271 17.52 31.23 7.05
CA VAL B 271 17.49 31.27 8.47
C VAL B 271 17.82 32.67 8.99
N GLN B 272 18.92 33.26 8.51
CA GLN B 272 19.28 34.61 8.99
C GLN B 272 18.17 35.59 8.74
N ALA B 273 17.30 35.15 7.85
CA ALA B 273 16.16 35.95 7.47
C ALA B 273 14.96 35.74 8.39
N GLY B 274 15.05 34.81 9.34
CA GLY B 274 13.96 34.59 10.26
C GLY B 274 13.03 33.47 9.83
N ILE B 275 13.44 32.72 8.82
CA ILE B 275 12.60 31.61 8.39
C ILE B 275 13.04 30.37 9.12
N PRO B 276 12.11 29.82 9.81
CA PRO B 276 12.35 28.59 10.53
C PRO B 276 12.72 27.51 9.55
N LEU B 277 13.64 26.64 9.93
CA LEU B 277 14.07 25.56 9.08
C LEU B 277 12.95 24.61 8.70
N ALA B 278 11.85 24.69 9.35
CA ALA B 278 10.77 23.78 9.03
C ALA B 278 10.19 24.10 7.67
N ARG B 279 10.37 25.37 7.27
CA ARG B 279 9.86 25.87 6.00
C ARG B 279 10.89 25.96 4.87
N VAL B 280 12.01 25.19 5.02
CA VAL B 280 13.09 25.12 4.04
C VAL B 280 13.41 23.67 3.79
N THR B 281 13.34 23.23 2.53
CA THR B 281 13.69 21.86 2.21
C THR B 281 14.82 21.88 1.17
N LEU B 282 15.47 20.77 0.91
CA LEU B 282 16.54 20.75 -0.08
C LEU B 282 16.32 19.49 -0.89
N SER B 283 16.38 19.56 -2.23
CA SER B 283 16.15 18.34 -3.01
C SER B 283 17.24 18.34 -4.05
N SER B 284 17.51 17.17 -4.62
CA SER B 284 18.61 17.04 -5.58
C SER B 284 18.34 17.30 -7.06
N ASN B 285 17.18 16.86 -7.57
CA ASN B 285 16.90 16.93 -9.00
C ASN B 285 17.72 15.82 -9.71
N GLY B 286 18.13 14.79 -8.93
CA GLY B 286 18.92 13.70 -9.45
C GLY B 286 18.29 13.13 -10.70
N ASN B 287 19.15 12.75 -11.64
CA ASN B 287 18.79 12.14 -12.93
C ASN B 287 18.15 13.08 -13.89
N GLY B 288 17.98 14.31 -13.44
CA GLY B 288 17.42 15.30 -14.33
C GLY B 288 18.53 15.92 -15.16
N SER B 289 18.17 16.47 -16.32
CA SER B 289 19.15 17.14 -17.13
C SER B 289 19.40 18.53 -16.50
N GLN B 290 20.60 19.04 -16.75
CA GLN B 290 21.05 20.35 -16.28
C GLN B 290 21.42 21.16 -17.51
N PRO B 291 20.36 21.60 -18.17
CA PRO B 291 20.53 22.35 -19.40
C PRO B 291 20.70 23.82 -19.12
N PHE B 292 21.52 24.41 -19.98
CA PHE B 292 21.84 25.83 -19.97
C PHE B 292 21.42 26.46 -21.27
N PHE B 293 20.75 27.58 -21.15
CA PHE B 293 20.27 28.25 -22.34
C PHE B 293 20.89 29.63 -22.42
N ASP B 294 21.32 30.04 -23.62
CA ASP B 294 21.89 31.36 -23.82
C ASP B 294 20.80 32.45 -23.81
N ASP B 295 21.16 33.56 -24.42
CA ASP B 295 20.38 34.79 -24.59
C ASP B 295 18.95 34.59 -25.16
N GLU B 296 18.92 34.01 -26.37
CA GLU B 296 17.74 33.76 -27.19
C GLU B 296 17.11 32.38 -27.00
N GLY B 297 17.16 31.88 -25.76
CA GLY B 297 16.59 30.58 -25.40
C GLY B 297 17.20 29.42 -26.16
N ASN B 298 18.48 29.58 -26.50
CA ASN B 298 19.23 28.57 -27.22
C ASN B 298 20.09 27.75 -26.28
N LEU B 299 19.92 26.43 -26.35
CA LEU B 299 20.67 25.52 -25.52
C LEU B 299 22.18 25.54 -25.80
N THR B 300 22.94 25.93 -24.78
CA THR B 300 24.38 25.98 -24.86
C THR B 300 25.05 24.73 -24.29
N HIS B 301 24.55 24.33 -23.12
CA HIS B 301 25.09 23.19 -22.41
C HIS B 301 24.02 22.28 -21.72
N ILE B 302 24.27 20.95 -21.71
CA ILE B 302 23.41 19.97 -21.03
C ILE B 302 24.21 18.87 -20.28
N GLY B 303 23.76 18.56 -19.06
CA GLY B 303 24.35 17.52 -18.21
C GLY B 303 23.27 16.79 -17.36
N VAL B 304 23.68 15.81 -16.54
CA VAL B 304 22.79 15.07 -15.63
C VAL B 304 23.21 15.22 -14.17
N ALA B 305 22.21 15.48 -13.33
CA ALA B 305 22.44 15.65 -11.93
C ALA B 305 22.51 14.32 -11.20
N GLY B 306 23.35 14.31 -10.17
CA GLY B 306 23.50 13.17 -9.30
C GLY B 306 22.99 13.54 -7.90
N PHE B 307 23.23 12.64 -6.94
CA PHE B 307 22.80 12.79 -5.56
C PHE B 307 23.83 13.24 -4.52
N GLU B 308 25.10 13.30 -4.89
CA GLU B 308 26.17 13.67 -3.97
C GLU B 308 26.05 15.04 -3.32
N THR B 309 25.38 15.92 -4.02
CA THR B 309 25.23 17.26 -3.50
C THR B 309 24.38 17.31 -2.30
N LEU B 310 23.64 16.24 -2.07
CA LEU B 310 22.79 16.35 -0.90
C LEU B 310 23.68 16.49 0.32
N LEU B 311 24.46 15.41 0.53
CA LEU B 311 25.39 15.31 1.62
C LEU B 311 26.38 16.45 1.68
N GLU B 312 26.84 16.83 0.52
CA GLU B 312 27.80 17.88 0.54
C GLU B 312 27.26 19.13 1.24
N THR B 313 25.99 19.43 0.99
CA THR B 313 25.39 20.63 1.53
C THR B 313 25.42 20.63 3.03
N VAL B 314 25.15 19.43 3.57
CA VAL B 314 25.15 19.25 5.01
C VAL B 314 26.54 19.58 5.60
N GLN B 315 27.56 18.95 5.03
CA GLN B 315 28.93 19.17 5.43
C GLN B 315 29.28 20.64 5.43
N VAL B 316 29.01 21.30 4.32
CA VAL B 316 29.32 22.71 4.18
C VAL B 316 28.66 23.61 5.22
N LEU B 317 27.40 23.34 5.47
CA LEU B 317 26.61 24.09 6.41
C LEU B 317 27.23 24.09 7.82
N VAL B 318 27.53 22.88 8.22
CA VAL B 318 28.12 22.63 9.51
C VAL B 318 29.48 23.32 9.57
N LYS B 319 30.25 22.92 8.56
CA LYS B 319 31.59 23.39 8.38
C LYS B 319 31.74 24.88 8.24
N ASP B 320 31.19 25.41 7.17
CA ASP B 320 31.34 26.80 6.86
C ASP B 320 30.29 27.72 7.40
N TYR B 321 29.17 27.14 7.78
CA TYR B 321 28.07 27.99 8.20
C TYR B 321 27.71 28.08 9.68
N ASP B 322 28.52 27.49 10.55
CA ASP B 322 28.16 27.61 11.97
C ASP B 322 26.89 26.82 12.27
N PHE B 323 26.63 25.80 11.51
CA PHE B 323 25.40 25.13 11.86
C PHE B 323 25.73 23.97 12.72
N SER B 324 24.73 23.63 13.50
CA SER B 324 24.82 22.43 14.29
C SER B 324 24.39 21.31 13.33
N ILE B 325 24.87 20.10 13.58
CA ILE B 325 24.55 18.97 12.74
C ILE B 325 23.06 18.75 12.71
N SER B 326 22.47 19.03 13.87
CA SER B 326 21.05 18.90 14.06
C SER B 326 20.28 19.71 13.03
N ASP B 327 20.54 21.01 13.03
CA ASP B 327 19.91 21.98 12.17
C ASP B 327 20.20 21.66 10.71
N ALA B 328 21.48 21.32 10.50
CA ALA B 328 21.96 21.01 9.17
C ALA B 328 21.21 19.81 8.58
N LEU B 329 20.70 18.90 9.39
CA LEU B 329 19.97 17.78 8.80
C LEU B 329 18.50 18.05 8.53
N ARG B 330 17.94 19.06 9.19
CA ARG B 330 16.50 19.29 9.06
C ARG B 330 15.95 19.28 7.65
N PRO B 331 16.57 20.11 6.84
CA PRO B 331 16.12 20.27 5.49
C PRO B 331 16.05 19.00 4.64
N LEU B 332 16.66 17.91 5.07
CA LEU B 332 16.61 16.67 4.31
C LEU B 332 15.90 15.56 5.01
N THR B 333 15.47 15.88 6.23
CA THR B 333 14.81 14.89 7.04
C THR B 333 13.44 15.37 7.54
N SER B 334 13.39 15.87 8.78
CA SER B 334 12.17 16.35 9.44
C SER B 334 11.40 17.43 8.69
N SER B 335 12.06 18.41 8.06
CA SER B 335 11.29 19.45 7.37
C SER B 335 10.49 18.87 6.21
N VAL B 336 11.13 18.00 5.49
CA VAL B 336 10.55 17.36 4.30
C VAL B 336 9.42 16.44 4.70
N ALA B 337 9.70 15.59 5.66
CA ALA B 337 8.68 14.66 6.12
C ALA B 337 7.50 15.44 6.65
N GLY B 338 7.82 16.59 7.26
CA GLY B 338 6.77 17.43 7.82
C GLY B 338 5.91 18.06 6.76
N PHE B 339 6.57 18.55 5.74
CA PHE B 339 5.84 19.18 4.69
C PHE B 339 4.96 18.22 3.90
N LEU B 340 5.49 17.04 3.57
CA LEU B 340 4.73 16.11 2.77
C LEU B 340 3.94 15.19 3.62
N ASN B 341 3.92 15.51 4.89
CA ASN B 341 3.21 14.66 5.81
C ASN B 341 3.65 13.20 5.71
N LEU B 342 4.97 12.92 5.65
CA LEU B 342 5.43 11.53 5.57
C LEU B 342 5.55 10.85 6.94
N THR B 343 4.52 10.06 7.25
CA THR B 343 4.47 9.36 8.52
C THR B 343 5.47 8.21 8.64
N GLY B 344 6.16 8.24 9.79
CA GLY B 344 7.17 7.23 10.13
C GLY B 344 8.56 7.54 9.55
N LYS B 345 8.68 8.75 8.91
CA LYS B 345 9.92 9.21 8.27
C LYS B 345 10.48 10.50 8.85
N GLY B 346 11.75 10.74 8.56
CA GLY B 346 12.44 11.98 8.92
C GLY B 346 12.82 12.16 10.38
N GLU B 347 12.43 11.24 11.24
CA GLU B 347 12.76 11.37 12.65
C GLU B 347 12.97 9.98 13.28
N ILE B 348 13.98 9.91 14.17
CA ILE B 348 14.24 8.66 14.86
C ILE B 348 13.47 8.64 16.20
N LEU B 349 12.25 8.02 16.21
CA LEU B 349 11.34 7.89 17.38
C LEU B 349 10.75 6.52 17.34
N PRO B 350 10.49 5.98 18.53
CA PRO B 350 9.92 4.64 18.54
C PRO B 350 8.68 4.72 17.67
N GLY B 351 8.40 3.65 16.93
CA GLY B 351 7.25 3.65 16.05
C GLY B 351 7.58 4.12 14.64
N ASN B 352 8.68 4.88 14.42
CA ASN B 352 8.99 5.29 13.06
C ASN B 352 9.69 4.19 12.32
N ASP B 353 9.87 4.42 11.03
CA ASP B 353 10.56 3.41 10.23
C ASP B 353 12.07 3.45 10.42
N ALA B 354 12.66 2.26 10.42
CA ALA B 354 14.09 2.11 10.58
C ALA B 354 14.87 2.48 9.31
N ASP B 355 14.84 3.76 9.03
CA ASP B 355 15.52 4.38 7.91
C ASP B 355 16.58 5.23 8.57
N LEU B 356 17.82 4.74 8.52
CA LEU B 356 18.88 5.43 9.22
C LEU B 356 20.20 5.37 8.53
N LEU B 357 21.00 6.38 8.84
CA LEU B 357 22.36 6.47 8.30
C LEU B 357 23.40 6.40 9.39
N VAL B 358 24.49 5.69 9.10
CA VAL B 358 25.62 5.62 10.00
C VAL B 358 26.72 6.41 9.33
N MET B 359 27.16 7.47 9.98
CA MET B 359 28.22 8.29 9.43
C MET B 359 29.41 8.40 10.37
N THR B 360 30.54 8.80 9.80
CA THR B 360 31.73 9.03 10.57
C THR B 360 31.56 10.40 11.16
N PRO B 361 32.36 10.73 12.16
CA PRO B 361 32.21 12.02 12.80
C PRO B 361 32.37 13.21 11.88
N GLU B 362 33.07 12.95 10.76
CA GLU B 362 33.36 13.98 9.75
C GLU B 362 32.32 14.02 8.65
N LEU B 363 31.21 13.31 8.92
CA LEU B 363 30.05 13.25 8.06
C LEU B 363 30.18 12.40 6.78
N ARG B 364 30.81 11.24 6.86
CA ARG B 364 30.89 10.42 5.68
C ARG B 364 30.00 9.19 5.88
N ILE B 365 29.21 8.88 4.91
CA ILE B 365 28.33 7.75 5.08
C ILE B 365 29.05 6.44 5.17
N GLU B 366 28.64 5.62 6.14
CA GLU B 366 29.23 4.31 6.29
C GLU B 366 28.28 3.14 6.07
N GLN B 367 27.14 3.23 6.75
CA GLN B 367 26.06 2.28 6.63
C GLN B 367 24.79 3.05 6.40
N VAL B 368 23.86 2.35 5.82
CA VAL B 368 22.55 2.84 5.53
C VAL B 368 21.63 1.66 5.71
N TYR B 369 20.59 1.95 6.48
CA TYR B 369 19.50 1.02 6.75
C TYR B 369 18.17 1.54 6.19
N ALA B 370 17.38 0.69 5.52
CA ALA B 370 16.09 1.16 5.02
C ALA B 370 15.06 0.22 5.56
N ARG B 371 14.13 0.77 6.31
CA ARG B 371 13.12 -0.08 6.87
C ARG B 371 13.76 -1.29 7.50
N GLY B 372 14.81 -0.95 8.21
CA GLY B 372 15.59 -1.88 8.98
C GLY B 372 16.52 -2.82 8.22
N LYS B 373 16.60 -2.69 6.89
CA LYS B 373 17.46 -3.57 6.10
C LYS B 373 18.77 -2.88 5.74
N LEU B 374 19.92 -3.60 5.88
CA LEU B 374 21.25 -3.07 5.57
C LEU B 374 21.42 -2.92 4.06
N MET B 375 21.59 -1.67 3.61
CA MET B 375 21.68 -1.47 2.17
C MET B 375 23.04 -1.07 1.69
N VAL B 376 23.75 -0.47 2.61
CA VAL B 376 25.06 0.05 2.33
C VAL B 376 25.94 -0.27 3.51
N LYS B 377 27.08 -0.77 3.15
CA LYS B 377 28.08 -1.16 4.10
C LYS B 377 29.44 -0.63 3.67
N ASP B 378 30.12 0.03 4.59
CA ASP B 378 31.44 0.58 4.26
C ASP B 378 31.39 1.61 3.17
N GLY B 379 30.30 2.33 3.13
CA GLY B 379 30.17 3.34 2.12
C GLY B 379 29.77 2.74 0.79
N LYS B 380 29.50 1.43 0.74
CA LYS B 380 29.13 0.78 -0.52
C LYS B 380 27.84 -0.03 -0.44
N ALA B 381 27.00 0.12 -1.48
CA ALA B 381 25.72 -0.57 -1.58
C ALA B 381 25.92 -2.06 -1.44
N CYS B 382 25.15 -2.69 -0.59
CA CYS B 382 25.32 -4.13 -0.49
C CYS B 382 24.04 -4.83 -0.94
N VAL B 383 23.14 -3.96 -1.39
CA VAL B 383 21.85 -4.25 -1.96
C VAL B 383 21.74 -3.42 -3.27
N LYS B 384 21.42 -4.16 -4.35
CA LYS B 384 21.29 -3.56 -5.67
C LYS B 384 20.02 -3.94 -6.38
N GLY B 385 19.67 -3.00 -7.26
CA GLY B 385 18.53 -3.07 -8.15
C GLY B 385 18.51 -4.39 -8.87
N THR B 386 17.32 -4.85 -9.13
CA THR B 386 17.19 -6.11 -9.79
C THR B 386 18.04 -6.22 -11.03
N PHE B 387 18.21 -5.08 -11.75
CA PHE B 387 19.02 -5.04 -12.99
C PHE B 387 20.17 -4.06 -12.95
N GLU B 388 20.83 -4.04 -11.81
CA GLU B 388 21.98 -3.20 -11.61
C GLU B 388 23.27 -3.98 -11.90
N THR B 389 24.26 -3.30 -12.53
CA THR B 389 25.58 -3.86 -12.90
C THR B 389 26.73 -3.11 -12.19
#